data_1W59
#
_entry.id   1W59
#
_cell.length_a   70.072
_cell.length_b   53.886
_cell.length_c   89.182
_cell.angle_alpha   90.00
_cell.angle_beta   91.30
_cell.angle_gamma   90.00
#
_symmetry.space_group_name_H-M   'P 1 21 1'
#
loop_
_entity.id
_entity.type
_entity.pdbx_description
1 polymer 'CELL DIVISION PROTEIN FTSZ HOMOLOG 1'
2 non-polymer 'SULFATE ION'
3 water water
#
_entity_poly.entity_id   1
_entity_poly.type   'polypeptide(L)'
_entity_poly.pdbx_seq_one_letter_code
;MKFLKNVLEEGSKLEEFNELELSPEDKELLEYLQQTKAKITVVGCGGAGNNTITRLKMEGIEGAKTVAINTDAQQLIRTK
ADKKILIGKKLTRGLGAGGNPKIGEEAAKESAEEIKAAIQDSDMVFITCGLGGGTGTGSAPVVAEISKKIGALTVAVVTL
PFVMEGKVRMKNAMEGLERLKQHTDTLVVIPNEKLFEIVPNMPLKLAFKVADEVLINAVKGLVELITKDGLINVDFADVK
AVMNNGGLAMIGIGESDSEKRAKEAVSMALNSPLLDVDIDGATGALIHVMGPEDLTLEEAREVVATVSSRLDPNATIIWG
ATIDENLENTVRVLLVITGVQSRIEFTDTGLKRKKLELTGIPKI
;
_entity_poly.pdbx_strand_id   A,B
#
loop_
_chem_comp.id
_chem_comp.type
_chem_comp.name
_chem_comp.formula
SO4 non-polymer 'SULFATE ION' 'O4 S -2'
#
# COMPACT_ATOMS: atom_id res chain seq x y z
N PHE A 3 -11.78 26.75 -32.25
CA PHE A 3 -12.28 25.40 -32.62
C PHE A 3 -11.20 24.33 -32.56
N LEU A 4 -11.26 23.48 -31.54
CA LEU A 4 -10.28 22.41 -31.38
C LEU A 4 -10.19 21.51 -32.61
N LYS A 5 -11.34 21.28 -33.26
CA LYS A 5 -11.38 20.43 -34.45
C LYS A 5 -10.57 20.98 -35.62
N ASN A 6 -10.52 22.30 -35.77
CA ASN A 6 -9.73 22.89 -36.86
C ASN A 6 -8.25 22.77 -36.54
N VAL A 7 -7.93 22.86 -35.25
CA VAL A 7 -6.56 22.78 -34.75
C VAL A 7 -5.66 21.81 -35.52
N LEU A 8 -5.96 20.52 -35.46
CA LEU A 8 -5.13 19.54 -36.17
C LEU A 8 -4.87 19.92 -37.61
N GLU A 9 -5.92 20.38 -38.30
CA GLU A 9 -5.81 20.74 -39.71
C GLU A 9 -5.11 22.06 -39.99
N GLU A 10 -5.25 23.04 -39.10
CA GLU A 10 -4.59 24.31 -39.33
C GLU A 10 -3.12 24.23 -38.89
N GLY A 11 -2.80 23.20 -38.10
CA GLY A 11 -1.45 23.01 -37.64
C GLY A 11 -0.53 22.59 -38.78
N SER A 12 -1.11 21.93 -39.80
CA SER A 12 -0.33 21.48 -40.95
C SER A 12 -0.06 22.64 -41.89
N LYS A 13 -0.96 23.61 -41.93
CA LYS A 13 -0.80 24.78 -42.78
C LYS A 13 0.59 25.34 -42.56
N LEU A 14 0.96 25.49 -41.30
CA LEU A 14 2.27 26.02 -40.95
C LEU A 14 3.38 25.07 -41.39
N GLU A 15 3.22 23.77 -41.13
CA GLU A 15 4.23 22.80 -41.53
C GLU A 15 4.49 22.92 -43.03
N GLU A 16 3.47 22.64 -43.83
CA GLU A 16 3.59 22.72 -45.29
C GLU A 16 4.12 24.10 -45.71
N PHE A 17 3.32 25.14 -45.48
CA PHE A 17 3.73 26.50 -45.82
C PHE A 17 4.93 26.92 -44.98
N LEU A 20 8.64 26.88 -48.04
CA LEU A 20 9.64 27.86 -48.43
C LEU A 20 10.94 27.24 -48.91
N GLU A 21 10.87 26.09 -49.58
CA GLU A 21 12.09 25.47 -50.06
C GLU A 21 11.89 24.18 -50.87
N LEU A 22 11.94 23.05 -50.17
CA LEU A 22 11.81 21.71 -50.74
C LEU A 22 11.00 21.58 -52.02
N SER A 23 11.31 20.55 -52.80
CA SER A 23 10.64 20.28 -54.07
C SER A 23 9.43 19.37 -53.84
N PRO A 24 8.74 18.96 -54.93
CA PRO A 24 7.57 18.09 -54.78
C PRO A 24 7.88 16.74 -54.12
N GLU A 25 8.98 16.10 -54.51
CA GLU A 25 9.36 14.81 -53.94
C GLU A 25 9.63 14.97 -52.45
N ASP A 26 10.42 15.97 -52.10
CA ASP A 26 10.75 16.25 -50.71
C ASP A 26 9.47 16.65 -49.99
N LYS A 27 8.51 17.17 -50.76
CA LYS A 27 7.23 17.62 -50.22
C LYS A 27 6.47 16.44 -49.65
N GLU A 28 6.41 15.36 -50.42
CA GLU A 28 5.74 14.14 -50.01
C GLU A 28 6.50 13.49 -48.86
N LEU A 29 7.81 13.35 -49.04
CA LEU A 29 8.68 12.75 -48.04
C LEU A 29 8.58 13.42 -46.67
N LEU A 30 8.83 14.73 -46.62
CA LEU A 30 8.76 15.46 -45.37
C LEU A 30 7.40 15.26 -44.71
N GLU A 31 6.34 15.38 -45.53
CA GLU A 31 4.98 15.23 -45.06
C GLU A 31 4.71 13.78 -44.65
N TYR A 32 5.60 12.89 -45.09
CA TYR A 32 5.51 11.46 -44.77
C TYR A 32 6.11 11.21 -43.38
N LEU A 33 7.35 11.67 -43.18
CA LEU A 33 8.02 11.52 -41.90
C LEU A 33 7.13 12.01 -40.78
N GLN A 34 6.31 13.01 -41.07
CA GLN A 34 5.40 13.54 -40.06
C GLN A 34 4.64 12.39 -39.40
N GLN A 35 3.99 11.57 -40.21
CA GLN A 35 3.22 10.44 -39.72
C GLN A 35 4.08 9.25 -39.29
N THR A 36 5.03 8.88 -40.15
CA THR A 36 5.90 7.74 -39.91
C THR A 36 6.49 7.60 -38.50
N LYS A 37 6.87 8.71 -37.88
CA LYS A 37 7.46 8.69 -36.53
C LYS A 37 6.89 7.60 -35.63
N ALA A 38 7.74 7.07 -34.74
CA ALA A 38 7.34 6.00 -33.83
C ALA A 38 6.61 6.53 -32.61
N LYS A 39 5.38 6.07 -32.40
CA LYS A 39 4.59 6.49 -31.25
C LYS A 39 4.88 5.60 -30.06
N ILE A 40 5.27 6.23 -28.96
CA ILE A 40 5.62 5.53 -27.73
C ILE A 40 4.69 5.94 -26.62
N THR A 41 4.20 4.95 -25.90
CA THR A 41 3.31 5.20 -24.78
C THR A 41 3.85 4.41 -23.61
N VAL A 42 3.92 5.06 -22.47
CA VAL A 42 4.37 4.42 -21.24
C VAL A 42 3.14 4.37 -20.34
N VAL A 43 2.81 3.18 -19.84
CA VAL A 43 1.67 3.01 -18.96
C VAL A 43 2.14 2.60 -17.55
N GLY A 44 1.81 3.40 -16.55
CA GLY A 44 2.21 3.09 -15.18
C GLY A 44 1.03 2.55 -14.40
N CYS A 45 1.15 1.32 -13.91
CA CYS A 45 0.09 0.66 -13.17
C CYS A 45 0.33 0.57 -11.68
N GLY A 46 -0.67 0.99 -10.91
CA GLY A 46 -0.59 0.96 -9.46
C GLY A 46 0.26 2.04 -8.83
N GLY A 47 0.45 1.91 -7.51
CA GLY A 47 1.25 2.86 -6.75
C GLY A 47 2.59 3.28 -7.31
N ALA A 48 3.57 2.38 -7.30
CA ALA A 48 4.90 2.72 -7.83
C ALA A 48 4.79 3.08 -9.30
N GLY A 49 3.88 2.42 -10.01
CA GLY A 49 3.71 2.73 -11.41
C GLY A 49 3.30 4.18 -11.60
N ASN A 50 2.39 4.64 -10.76
CA ASN A 50 1.91 6.01 -10.87
C ASN A 50 2.90 7.08 -10.41
N ASN A 51 3.76 6.77 -9.46
CA ASN A 51 4.74 7.75 -9.02
C ASN A 51 5.76 7.96 -10.14
N THR A 52 6.04 6.89 -10.87
CA THR A 52 6.99 6.96 -11.97
C THR A 52 6.45 7.84 -13.10
N ILE A 53 5.20 7.59 -13.51
CA ILE A 53 4.56 8.36 -14.58
C ILE A 53 4.54 9.85 -14.27
N THR A 54 4.17 10.20 -13.03
CA THR A 54 4.12 11.59 -12.62
C THR A 54 5.45 12.30 -12.86
N ARG A 55 6.56 11.67 -12.48
CA ARG A 55 7.88 12.26 -12.70
C ARG A 55 8.17 12.34 -14.19
N LEU A 56 7.93 11.23 -14.88
CA LEU A 56 8.16 11.21 -16.31
C LEU A 56 7.39 12.38 -16.91
N LYS A 57 6.14 12.55 -16.48
CA LYS A 57 5.31 13.64 -16.97
C LYS A 57 5.87 15.00 -16.57
N MET A 58 5.93 15.28 -15.26
CA MET A 58 6.46 16.55 -14.75
C MET A 58 7.85 16.92 -15.28
N GLU A 59 8.76 15.95 -15.36
CA GLU A 59 10.11 16.20 -15.86
C GLU A 59 10.12 16.28 -17.38
N GLY A 60 9.04 15.82 -18.00
CA GLY A 60 8.92 15.87 -19.45
C GLY A 60 9.61 14.77 -20.24
N ILE A 61 9.11 13.52 -20.16
CA ILE A 61 9.70 12.42 -20.92
C ILE A 61 9.59 12.81 -22.39
N GLU A 62 10.66 12.56 -23.15
CA GLU A 62 10.69 12.96 -24.55
C GLU A 62 10.06 12.02 -25.59
N GLY A 63 9.14 12.58 -26.37
CA GLY A 63 8.47 11.83 -27.42
C GLY A 63 7.66 10.61 -27.04
N ALA A 64 6.96 10.67 -25.91
CA ALA A 64 6.16 9.53 -25.46
C ALA A 64 4.96 9.98 -24.62
N LYS A 65 3.80 9.37 -24.88
CA LYS A 65 2.57 9.69 -24.16
C LYS A 65 2.56 8.94 -22.83
N THR A 66 2.18 9.62 -21.76
CA THR A 66 2.14 9.00 -20.46
C THR A 66 0.73 8.62 -20.05
N VAL A 67 0.55 7.39 -19.59
CA VAL A 67 -0.74 6.89 -19.15
C VAL A 67 -0.58 6.25 -17.78
N ALA A 68 -1.45 6.65 -16.86
CA ALA A 68 -1.44 6.14 -15.50
C ALA A 68 -2.78 5.49 -15.24
N ILE A 69 -2.75 4.22 -14.87
CA ILE A 69 -3.97 3.49 -14.56
C ILE A 69 -3.86 3.02 -13.12
N ASN A 70 -4.97 3.07 -12.42
CA ASN A 70 -5.00 2.68 -11.03
C ASN A 70 -6.41 2.29 -10.65
N THR A 71 -6.50 1.46 -9.64
CA THR A 71 -7.74 0.96 -9.13
C THR A 71 -8.16 1.94 -8.02
N ASP A 72 -7.17 2.65 -7.48
CA ASP A 72 -7.40 3.60 -6.39
C ASP A 72 -7.50 5.05 -6.87
N ALA A 73 -8.66 5.67 -6.61
CA ALA A 73 -8.95 7.04 -7.01
C ALA A 73 -8.09 8.08 -6.30
N GLN A 74 -7.83 7.85 -5.01
CA GLN A 74 -7.02 8.77 -4.23
C GLN A 74 -5.63 8.91 -4.86
N GLN A 75 -5.00 7.76 -5.12
CA GLN A 75 -3.66 7.75 -5.72
C GLN A 75 -3.66 8.35 -7.11
N LEU A 76 -4.70 8.03 -7.87
CA LEU A 76 -4.82 8.51 -9.24
C LEU A 76 -4.96 10.03 -9.35
N ILE A 77 -5.61 10.65 -8.38
CA ILE A 77 -5.80 12.10 -8.44
C ILE A 77 -4.50 12.85 -8.20
N ARG A 78 -3.64 12.29 -7.35
CA ARG A 78 -2.35 12.91 -7.05
C ARG A 78 -1.34 12.72 -8.19
N THR A 79 -1.61 11.73 -9.04
CA THR A 79 -0.75 11.40 -10.19
C THR A 79 -0.96 12.41 -11.33
N LYS A 80 0.11 12.68 -12.08
CA LYS A 80 0.06 13.60 -13.22
C LYS A 80 0.45 12.77 -14.45
N ALA A 81 -0.40 12.81 -15.49
CA ALA A 81 -0.15 12.06 -16.72
C ALA A 81 -0.97 12.59 -17.90
N ASP A 82 -0.52 12.30 -19.12
CA ASP A 82 -1.25 12.74 -20.29
C ASP A 82 -2.66 12.17 -20.25
N LYS A 83 -2.82 11.02 -19.63
CA LYS A 83 -4.11 10.38 -19.54
C LYS A 83 -4.17 9.50 -18.32
N LYS A 84 -5.28 9.54 -17.59
CA LYS A 84 -5.44 8.70 -16.42
C LYS A 84 -6.66 7.83 -16.61
N ILE A 85 -6.59 6.60 -16.12
CA ILE A 85 -7.69 5.67 -16.25
C ILE A 85 -7.96 4.99 -14.91
N LEU A 86 -9.18 5.12 -14.42
CA LEU A 86 -9.53 4.46 -13.16
C LEU A 86 -10.12 3.12 -13.57
N ILE A 87 -9.31 2.06 -13.52
CA ILE A 87 -9.79 0.75 -13.90
C ILE A 87 -10.68 0.17 -12.82
N GLY A 88 -11.66 -0.64 -13.21
CA GLY A 88 -12.55 -1.25 -12.24
C GLY A 88 -13.57 -0.30 -11.64
N LYS A 89 -13.97 0.73 -12.38
CA LYS A 89 -14.95 1.70 -11.91
C LYS A 89 -16.20 1.07 -11.32
N LYS A 90 -16.47 -0.19 -11.70
CA LYS A 90 -17.63 -0.94 -11.20
C LYS A 90 -17.22 -2.00 -10.19
N LEU A 91 -16.01 -2.53 -10.35
CA LEU A 91 -15.53 -3.57 -9.45
C LEU A 91 -15.08 -3.04 -8.11
N THR A 92 -14.45 -1.88 -8.10
CA THR A 92 -13.94 -1.30 -6.86
C THR A 92 -14.54 0.03 -6.45
N ARG A 93 -15.09 0.75 -7.43
CA ARG A 93 -15.70 2.05 -7.18
C ARG A 93 -14.61 3.10 -6.95
N GLY A 94 -13.38 2.76 -7.33
CA GLY A 94 -12.28 3.68 -7.15
C GLY A 94 -11.78 3.72 -5.71
N LEU A 95 -11.82 2.58 -5.03
CA LEU A 95 -11.38 2.50 -3.64
C LEU A 95 -10.08 1.74 -3.38
N GLY A 96 -9.59 1.02 -4.39
CA GLY A 96 -8.37 0.26 -4.24
C GLY A 96 -8.64 -1.23 -4.28
N ALA A 97 -7.67 -2.00 -4.79
CA ALA A 97 -7.85 -3.44 -4.89
C ALA A 97 -7.16 -4.16 -3.76
N GLY A 98 -6.35 -3.43 -3.00
CA GLY A 98 -5.64 -4.04 -1.90
C GLY A 98 -4.43 -4.79 -2.41
N GLY A 99 -4.14 -5.92 -1.77
CA GLY A 99 -3.00 -6.71 -2.18
C GLY A 99 -3.40 -7.93 -2.97
N ASN A 100 -4.63 -7.92 -3.48
CA ASN A 100 -5.14 -9.05 -4.26
C ASN A 100 -5.03 -8.82 -5.76
N PRO A 101 -4.02 -9.42 -6.41
CA PRO A 101 -3.80 -9.29 -7.85
C PRO A 101 -5.02 -9.72 -8.69
N LYS A 102 -5.82 -10.63 -8.15
CA LYS A 102 -7.02 -11.11 -8.85
C LYS A 102 -8.02 -9.98 -9.10
N ILE A 103 -8.09 -9.02 -8.17
CA ILE A 103 -8.98 -7.90 -8.31
C ILE A 103 -8.40 -6.94 -9.33
N GLY A 104 -7.12 -6.62 -9.18
CA GLY A 104 -6.49 -5.72 -10.11
C GLY A 104 -6.60 -6.23 -11.54
N GLU A 105 -6.51 -7.56 -11.70
CA GLU A 105 -6.62 -8.17 -13.02
C GLU A 105 -8.02 -7.96 -13.57
N GLU A 106 -9.00 -8.25 -12.72
CA GLU A 106 -10.40 -8.08 -13.09
C GLU A 106 -10.72 -6.62 -13.32
N ALA A 107 -10.08 -5.72 -12.56
CA ALA A 107 -10.32 -4.30 -12.74
C ALA A 107 -9.85 -3.90 -14.14
N ALA A 108 -8.66 -4.37 -14.52
CA ALA A 108 -8.10 -4.07 -15.82
C ALA A 108 -8.98 -4.65 -16.94
N LYS A 109 -9.44 -5.88 -16.74
CA LYS A 109 -10.29 -6.52 -17.73
C LYS A 109 -11.51 -5.65 -17.95
N GLU A 110 -12.15 -5.28 -16.84
CA GLU A 110 -13.35 -4.44 -16.91
C GLU A 110 -13.15 -3.16 -17.72
N SER A 111 -11.95 -2.56 -17.62
CA SER A 111 -11.65 -1.32 -18.33
C SER A 111 -10.81 -1.56 -19.59
N ALA A 112 -10.71 -2.82 -20.00
CA ALA A 112 -9.92 -3.21 -21.15
C ALA A 112 -10.10 -2.29 -22.35
N GLU A 113 -11.35 -2.07 -22.73
CA GLU A 113 -11.68 -1.22 -23.87
C GLU A 113 -11.15 0.20 -23.66
N GLU A 114 -11.18 0.65 -22.42
CA GLU A 114 -10.71 2.00 -22.08
C GLU A 114 -9.19 2.04 -22.21
N ILE A 115 -8.54 0.97 -21.80
CA ILE A 115 -7.08 0.85 -21.88
C ILE A 115 -6.67 0.82 -23.36
N LYS A 116 -7.33 -0.04 -24.15
CA LYS A 116 -7.01 -0.13 -25.56
C LYS A 116 -7.11 1.23 -26.22
N ALA A 117 -8.06 2.04 -25.76
CA ALA A 117 -8.24 3.37 -26.33
C ALA A 117 -7.08 4.29 -26.00
N ALA A 118 -6.46 4.09 -24.84
CA ALA A 118 -5.34 4.93 -24.44
C ALA A 118 -4.02 4.59 -25.14
N ILE A 119 -3.89 3.37 -25.65
CA ILE A 119 -2.65 2.95 -26.33
C ILE A 119 -2.87 2.60 -27.80
N GLN A 120 -4.09 2.82 -28.27
CA GLN A 120 -4.54 2.55 -29.65
C GLN A 120 -3.51 2.48 -30.78
N ASP A 121 -2.95 3.63 -31.14
CA ASP A 121 -1.98 3.70 -32.23
C ASP A 121 -0.55 3.86 -31.73
N SER A 122 -0.11 2.90 -30.91
CA SER A 122 1.23 2.93 -30.37
C SER A 122 2.10 1.88 -31.04
N ASP A 123 3.26 2.29 -31.52
CA ASP A 123 4.18 1.37 -32.15
C ASP A 123 4.81 0.53 -31.06
N MET A 124 4.99 1.12 -29.89
CA MET A 124 5.61 0.44 -28.78
C MET A 124 5.03 0.97 -27.48
N VAL A 125 4.72 0.05 -26.58
CA VAL A 125 4.17 0.37 -25.28
C VAL A 125 5.04 -0.14 -24.14
N PHE A 126 5.29 0.73 -23.17
CA PHE A 126 6.06 0.36 -22.00
C PHE A 126 5.11 0.20 -20.83
N ILE A 127 5.10 -0.96 -20.21
CA ILE A 127 4.23 -1.20 -19.05
C ILE A 127 5.18 -1.19 -17.86
N THR A 128 4.98 -0.25 -16.94
CA THR A 128 5.87 -0.17 -15.78
C THR A 128 5.08 -0.25 -14.49
N CYS A 129 5.68 -0.84 -13.47
CA CYS A 129 5.01 -0.96 -12.18
C CYS A 129 5.88 -1.68 -11.15
N GLY A 130 5.47 -1.61 -9.89
CA GLY A 130 6.17 -2.27 -8.82
C GLY A 130 5.31 -3.47 -8.48
N LEU A 131 5.85 -4.67 -8.60
CA LEU A 131 5.09 -5.87 -8.33
C LEU A 131 5.00 -6.11 -6.83
N GLY A 132 4.00 -6.88 -6.41
CA GLY A 132 3.79 -7.17 -4.99
C GLY A 132 2.42 -6.70 -4.52
N GLY A 133 1.89 -5.69 -5.20
CA GLY A 133 0.59 -5.15 -4.86
C GLY A 133 -0.51 -5.81 -5.65
N GLY A 134 -1.75 -5.37 -5.44
CA GLY A 134 -2.87 -5.97 -6.16
C GLY A 134 -3.15 -5.36 -7.51
N THR A 135 -3.05 -4.05 -7.60
CA THR A 135 -3.32 -3.32 -8.83
C THR A 135 -2.26 -3.51 -9.91
N GLY A 136 -1.02 -3.14 -9.61
CA GLY A 136 0.05 -3.28 -10.58
C GLY A 136 0.23 -4.73 -10.98
N THR A 137 0.37 -5.61 -9.99
CA THR A 137 0.57 -7.02 -10.26
C THR A 137 -0.58 -7.64 -11.07
N GLY A 138 -1.80 -7.20 -10.80
CA GLY A 138 -2.93 -7.75 -11.53
C GLY A 138 -3.17 -7.14 -12.90
N SER A 139 -3.10 -5.81 -13.00
CA SER A 139 -3.38 -5.13 -14.26
C SER A 139 -2.28 -5.13 -15.32
N ALA A 140 -1.02 -5.09 -14.90
CA ALA A 140 0.10 -5.05 -15.84
C ALA A 140 0.01 -6.07 -16.98
N PRO A 141 -0.22 -7.36 -16.66
CA PRO A 141 -0.32 -8.41 -17.68
C PRO A 141 -1.47 -8.22 -18.66
N VAL A 142 -2.54 -7.57 -18.21
CA VAL A 142 -3.69 -7.31 -19.07
C VAL A 142 -3.34 -6.19 -20.04
N VAL A 143 -2.67 -5.16 -19.54
CA VAL A 143 -2.27 -4.05 -20.40
C VAL A 143 -1.30 -4.58 -21.44
N ALA A 144 -0.48 -5.55 -21.06
CA ALA A 144 0.51 -6.14 -21.96
C ALA A 144 -0.19 -6.96 -23.01
N GLU A 145 -1.17 -7.73 -22.57
CA GLU A 145 -1.94 -8.57 -23.49
C GLU A 145 -2.66 -7.70 -24.52
N ILE A 146 -3.21 -6.57 -24.07
CA ILE A 146 -3.91 -5.62 -24.96
C ILE A 146 -2.92 -4.95 -25.89
N SER A 147 -1.73 -4.67 -25.40
CA SER A 147 -0.68 -4.03 -26.19
C SER A 147 -0.35 -4.91 -27.39
N LYS A 148 -0.05 -6.18 -27.13
CA LYS A 148 0.29 -7.10 -28.22
C LYS A 148 -0.86 -7.18 -29.20
N LYS A 149 -2.08 -7.25 -28.68
CA LYS A 149 -3.23 -7.32 -29.56
C LYS A 149 -3.28 -6.15 -30.54
N ILE A 150 -3.04 -4.91 -30.08
CA ILE A 150 -3.03 -3.79 -31.02
C ILE A 150 -1.77 -3.84 -31.88
N GLY A 151 -0.89 -4.78 -31.59
CA GLY A 151 0.32 -4.94 -32.37
C GLY A 151 1.51 -4.04 -32.07
N ALA A 152 1.62 -3.57 -30.83
CA ALA A 152 2.74 -2.71 -30.45
C ALA A 152 3.85 -3.51 -29.78
N LEU A 153 5.08 -3.05 -29.94
CA LEU A 153 6.23 -3.69 -29.32
C LEU A 153 5.88 -3.60 -27.83
N THR A 154 5.75 -4.74 -27.17
CA THR A 154 5.37 -4.76 -25.77
C THR A 154 6.51 -5.02 -24.81
N VAL A 155 6.99 -3.97 -24.16
CA VAL A 155 8.09 -4.08 -23.21
C VAL A 155 7.61 -3.69 -21.82
N ALA A 156 8.09 -4.41 -20.82
CA ALA A 156 7.72 -4.14 -19.44
C ALA A 156 8.96 -3.88 -18.58
N VAL A 157 8.93 -2.80 -17.81
CA VAL A 157 10.04 -2.49 -16.91
C VAL A 157 9.45 -2.48 -15.50
N VAL A 158 9.60 -3.59 -14.78
CA VAL A 158 9.05 -3.72 -13.42
C VAL A 158 10.07 -4.03 -12.32
N THR A 159 9.66 -3.79 -11.07
CA THR A 159 10.53 -4.04 -9.94
C THR A 159 9.97 -5.15 -9.05
N LEU A 160 10.88 -5.96 -8.49
CA LEU A 160 10.49 -7.03 -7.57
C LEU A 160 10.54 -6.41 -6.18
N PRO A 161 9.61 -6.79 -5.31
CA PRO A 161 9.60 -6.22 -3.95
C PRO A 161 10.79 -6.51 -3.06
N PHE A 162 10.94 -5.66 -2.05
CA PHE A 162 11.99 -5.79 -1.06
C PHE A 162 11.56 -7.00 -0.24
N VAL A 163 12.51 -7.71 0.35
CA VAL A 163 12.16 -8.88 1.14
C VAL A 163 11.40 -8.43 2.39
N MET A 164 11.60 -7.19 2.81
CA MET A 164 10.93 -6.70 4.01
C MET A 164 9.43 -6.48 3.76
N GLU A 165 8.98 -6.82 2.56
CA GLU A 165 7.57 -6.65 2.23
C GLU A 165 6.79 -7.94 2.49
N GLY A 166 7.51 -9.05 2.68
CA GLY A 166 6.84 -10.30 2.98
C GLY A 166 6.72 -11.31 1.85
N LYS A 167 6.62 -12.58 2.23
CA LYS A 167 6.52 -13.66 1.28
C LYS A 167 5.24 -13.62 0.46
N VAL A 168 4.16 -13.12 1.04
CA VAL A 168 2.91 -13.07 0.31
C VAL A 168 3.06 -12.14 -0.89
N ARG A 169 3.64 -10.97 -0.64
CA ARG A 169 3.86 -9.98 -1.69
C ARG A 169 4.85 -10.47 -2.75
N MET A 170 5.96 -11.07 -2.31
CA MET A 170 6.94 -11.58 -3.27
C MET A 170 6.28 -12.65 -4.12
N LYS A 171 5.62 -13.60 -3.46
CA LYS A 171 4.95 -14.68 -4.17
C LYS A 171 3.95 -14.12 -5.19
N ASN A 172 3.22 -13.09 -4.82
CA ASN A 172 2.27 -12.48 -5.75
C ASN A 172 3.01 -11.83 -6.92
N ALA A 173 4.17 -11.25 -6.63
CA ALA A 173 4.99 -10.60 -7.65
C ALA A 173 5.52 -11.62 -8.67
N MET A 174 6.08 -12.72 -8.17
CA MET A 174 6.59 -13.77 -9.03
C MET A 174 5.52 -14.36 -9.92
N GLU A 175 4.31 -14.49 -9.40
CA GLU A 175 3.20 -15.03 -10.17
C GLU A 175 2.81 -14.00 -11.21
N GLY A 176 2.85 -12.73 -10.81
CA GLY A 176 2.52 -11.67 -11.74
C GLY A 176 3.57 -11.64 -12.84
N LEU A 177 4.83 -11.76 -12.42
CA LEU A 177 5.97 -11.75 -13.33
C LEU A 177 5.84 -12.90 -14.35
N GLU A 178 5.29 -14.03 -13.89
CA GLU A 178 5.09 -15.19 -14.75
C GLU A 178 4.05 -14.87 -15.80
N ARG A 179 2.86 -14.43 -15.37
CA ARG A 179 1.79 -14.09 -16.30
C ARG A 179 2.24 -12.99 -17.25
N LEU A 180 3.07 -12.10 -16.75
CA LEU A 180 3.56 -10.98 -17.54
C LEU A 180 4.49 -11.47 -18.64
N LYS A 181 5.40 -12.36 -18.31
CA LYS A 181 6.32 -12.86 -19.32
C LYS A 181 5.59 -13.50 -20.51
N GLN A 182 4.30 -13.79 -20.33
CA GLN A 182 3.53 -14.40 -21.39
C GLN A 182 3.08 -13.44 -22.47
N HIS A 183 2.83 -12.19 -22.09
CA HIS A 183 2.33 -11.19 -23.04
C HIS A 183 3.32 -10.11 -23.42
N THR A 184 4.57 -10.27 -23.02
CA THR A 184 5.56 -9.27 -23.34
C THR A 184 6.52 -9.76 -24.42
N ASP A 185 7.17 -8.80 -25.07
CA ASP A 185 8.15 -9.11 -26.08
C ASP A 185 9.44 -9.17 -25.28
N THR A 186 9.62 -8.19 -24.41
CA THR A 186 10.79 -8.18 -23.54
C THR A 186 10.33 -7.71 -22.17
N LEU A 187 10.73 -8.45 -21.14
CA LEU A 187 10.35 -8.15 -19.76
C LEU A 187 11.56 -7.78 -18.92
N VAL A 188 11.65 -6.51 -18.52
CA VAL A 188 12.76 -6.05 -17.72
C VAL A 188 12.38 -6.08 -16.24
N VAL A 189 13.19 -6.78 -15.43
CA VAL A 189 12.95 -6.93 -14.00
C VAL A 189 14.04 -6.32 -13.12
N ILE A 190 13.63 -5.49 -12.18
CA ILE A 190 14.55 -4.83 -11.25
C ILE A 190 14.32 -5.36 -9.81
N PRO A 191 15.32 -6.06 -9.25
CA PRO A 191 15.14 -6.58 -7.89
C PRO A 191 15.40 -5.45 -6.88
N ASN A 192 14.34 -4.97 -6.23
CA ASN A 192 14.50 -3.89 -5.27
C ASN A 192 15.43 -4.21 -4.12
N GLU A 193 15.47 -5.48 -3.71
CA GLU A 193 16.32 -5.87 -2.61
C GLU A 193 17.79 -5.48 -2.86
N LYS A 194 18.25 -5.55 -4.10
CA LYS A 194 19.63 -5.22 -4.40
C LYS A 194 19.90 -3.73 -4.21
N LEU A 195 18.83 -2.95 -4.17
CA LEU A 195 18.96 -1.51 -3.97
C LEU A 195 19.80 -1.28 -2.69
N PHE A 196 19.84 -2.29 -1.83
CA PHE A 196 20.58 -2.24 -0.56
C PHE A 196 22.09 -2.42 -0.70
N GLU A 197 22.53 -2.98 -1.82
CA GLU A 197 23.95 -3.17 -2.01
C GLU A 197 24.58 -1.95 -2.67
N ILE A 198 23.74 -1.04 -3.16
CA ILE A 198 24.23 0.18 -3.78
C ILE A 198 24.27 1.22 -2.67
N VAL A 199 23.40 1.05 -1.68
CA VAL A 199 23.33 1.95 -0.55
C VAL A 199 23.03 1.06 0.68
N PRO A 200 24.07 0.35 1.18
CA PRO A 200 24.09 -0.57 2.33
C PRO A 200 23.42 -0.09 3.60
N ASN A 201 23.72 1.13 4.03
CA ASN A 201 23.10 1.63 5.25
C ASN A 201 21.92 2.55 4.88
N MET A 202 21.23 2.20 3.81
CA MET A 202 20.07 2.96 3.37
C MET A 202 18.98 2.75 4.38
N PRO A 203 18.32 3.84 4.83
CA PRO A 203 17.22 3.84 5.81
C PRO A 203 16.00 3.19 5.20
N LEU A 204 15.42 2.21 5.88
CA LEU A 204 14.26 1.53 5.36
C LEU A 204 13.17 2.51 4.93
N LYS A 205 12.96 3.58 5.68
CA LYS A 205 11.93 4.54 5.34
C LYS A 205 12.16 5.21 3.99
N LEU A 206 13.34 4.99 3.44
CA LEU A 206 13.72 5.58 2.16
C LEU A 206 13.81 4.59 1.00
N ALA A 207 13.81 3.29 1.32
CA ALA A 207 13.90 2.22 0.32
C ALA A 207 13.04 2.44 -0.93
N PHE A 208 11.77 2.76 -0.71
CA PHE A 208 10.82 3.00 -1.79
C PHE A 208 11.11 4.29 -2.58
N LYS A 209 11.59 5.33 -1.89
CA LYS A 209 11.94 6.59 -2.58
C LYS A 209 13.08 6.30 -3.55
N VAL A 210 14.02 5.47 -3.11
CA VAL A 210 15.15 5.09 -3.95
C VAL A 210 14.64 4.20 -5.09
N ALA A 211 13.71 3.30 -4.76
CA ALA A 211 13.13 2.41 -5.75
C ALA A 211 12.47 3.24 -6.84
N ASP A 212 11.77 4.31 -6.43
CA ASP A 212 11.11 5.19 -7.39
C ASP A 212 12.15 5.82 -8.30
N GLU A 213 13.24 6.26 -7.69
CA GLU A 213 14.33 6.88 -8.41
C GLU A 213 14.92 5.96 -9.47
N VAL A 214 15.18 4.70 -9.10
CA VAL A 214 15.74 3.75 -10.05
C VAL A 214 14.79 3.37 -11.20
N LEU A 215 13.51 3.19 -10.91
CA LEU A 215 12.54 2.84 -11.93
C LEU A 215 12.40 4.00 -12.92
N ILE A 216 12.25 5.22 -12.38
CA ILE A 216 12.12 6.40 -13.20
C ILE A 216 13.31 6.50 -14.14
N ASN A 217 14.49 6.37 -13.57
CA ASN A 217 15.70 6.46 -14.37
C ASN A 217 15.75 5.37 -15.42
N ALA A 218 15.36 4.16 -15.04
CA ALA A 218 15.38 3.05 -15.99
C ALA A 218 14.39 3.27 -17.13
N VAL A 219 13.12 3.51 -16.80
CA VAL A 219 12.10 3.71 -17.84
C VAL A 219 12.46 4.91 -18.71
N LYS A 220 12.88 6.01 -18.08
CA LYS A 220 13.26 7.20 -18.83
C LYS A 220 14.43 6.93 -19.75
N GLY A 221 15.46 6.29 -19.22
CA GLY A 221 16.64 5.96 -20.01
C GLY A 221 16.33 5.13 -21.23
N LEU A 222 15.56 4.06 -21.03
CA LEU A 222 15.21 3.19 -22.15
C LEU A 222 14.41 3.95 -23.18
N VAL A 223 13.39 4.66 -22.71
CA VAL A 223 12.51 5.42 -23.59
C VAL A 223 13.25 6.48 -24.41
N GLU A 224 13.99 7.36 -23.72
CA GLU A 224 14.72 8.42 -24.40
C GLU A 224 15.79 7.92 -25.36
N LEU A 225 16.37 6.75 -25.07
CA LEU A 225 17.39 6.17 -25.94
C LEU A 225 16.84 6.10 -27.35
N ILE A 226 15.55 5.84 -27.42
CA ILE A 226 14.86 5.69 -28.68
C ILE A 226 14.32 6.99 -29.26
N THR A 227 13.88 7.90 -28.40
CA THR A 227 13.27 9.14 -28.86
C THR A 227 14.10 10.43 -28.83
N LYS A 228 15.02 10.55 -27.89
CA LYS A 228 15.81 11.76 -27.75
C LYS A 228 17.00 11.90 -28.68
N ASP A 229 17.07 13.03 -29.38
CA ASP A 229 18.18 13.31 -30.29
C ASP A 229 19.49 13.22 -29.55
N GLY A 230 20.44 12.51 -30.16
CA GLY A 230 21.74 12.32 -29.53
C GLY A 230 22.89 12.47 -30.51
N LEU A 231 24.06 12.01 -30.10
CA LEU A 231 25.25 12.14 -30.95
C LEU A 231 25.24 11.07 -32.03
N ILE A 232 24.34 10.11 -31.91
CA ILE A 232 24.28 9.06 -32.89
C ILE A 232 22.88 8.49 -33.15
N ASN A 233 22.75 8.00 -34.35
CA ASN A 233 21.57 7.39 -34.96
C ASN A 233 21.02 6.16 -34.23
N VAL A 234 19.85 6.26 -33.61
CA VAL A 234 19.26 5.07 -32.99
C VAL A 234 17.96 4.77 -33.75
N ASP A 235 18.03 3.73 -34.59
CA ASP A 235 16.91 3.31 -35.44
C ASP A 235 15.91 2.37 -34.79
N PHE A 236 14.65 2.70 -34.97
CA PHE A 236 13.56 1.92 -34.41
C PHE A 236 13.58 0.48 -34.92
N ALA A 237 14.09 0.27 -36.13
CA ALA A 237 14.16 -1.07 -36.68
C ALA A 237 15.08 -1.94 -35.83
N ASP A 238 16.08 -1.32 -35.21
CA ASP A 238 17.02 -2.07 -34.38
C ASP A 238 16.44 -2.38 -33.02
N VAL A 239 15.72 -1.40 -32.47
CA VAL A 239 15.06 -1.56 -31.19
C VAL A 239 14.07 -2.71 -31.36
N LYS A 240 13.32 -2.67 -32.45
CA LYS A 240 12.34 -3.71 -32.75
C LYS A 240 13.08 -5.04 -32.76
N ALA A 241 14.27 -5.04 -33.33
CA ALA A 241 15.07 -6.24 -33.43
C ALA A 241 15.51 -6.80 -32.08
N VAL A 242 16.06 -5.94 -31.24
CA VAL A 242 16.55 -6.38 -29.92
C VAL A 242 15.45 -6.63 -28.87
N MET A 243 14.42 -5.79 -28.86
CA MET A 243 13.32 -5.91 -27.91
C MET A 243 12.32 -7.02 -28.25
N ASN A 244 12.12 -7.28 -29.54
CA ASN A 244 11.16 -8.28 -30.00
C ASN A 244 11.18 -9.67 -29.38
N ASN A 245 12.36 -10.24 -29.20
CA ASN A 245 12.46 -11.57 -28.61
C ASN A 245 13.32 -11.55 -27.36
N GLY A 246 13.50 -10.36 -26.78
CA GLY A 246 14.29 -10.24 -25.57
C GLY A 246 13.44 -10.90 -24.51
N GLY A 247 13.85 -12.08 -24.06
CA GLY A 247 13.05 -12.76 -23.06
C GLY A 247 13.01 -11.93 -21.81
N LEU A 248 13.75 -12.38 -20.81
CA LEU A 248 13.83 -11.70 -19.53
C LEU A 248 15.08 -10.84 -19.66
N ALA A 249 15.02 -9.62 -19.10
CA ALA A 249 16.16 -8.71 -19.15
C ALA A 249 16.35 -8.03 -17.80
N MET A 250 17.59 -7.60 -17.52
CA MET A 250 17.88 -6.92 -16.27
C MET A 250 18.71 -5.68 -16.58
N ILE A 251 18.80 -4.75 -15.64
CA ILE A 251 19.55 -3.54 -15.88
C ILE A 251 20.74 -3.33 -14.96
N GLY A 252 21.60 -2.42 -15.40
CA GLY A 252 22.78 -2.04 -14.65
C GLY A 252 22.89 -0.55 -14.87
N ILE A 253 23.14 0.21 -13.82
CA ILE A 253 23.29 1.66 -13.98
C ILE A 253 24.59 2.06 -13.32
N GLY A 254 25.25 3.05 -13.89
CA GLY A 254 26.48 3.53 -13.32
C GLY A 254 26.77 4.93 -13.79
N GLU A 255 27.66 5.61 -13.06
CA GLU A 255 28.08 6.94 -13.45
C GLU A 255 29.41 7.27 -12.82
N SER A 256 30.13 8.19 -13.44
CA SER A 256 31.41 8.59 -12.94
C SER A 256 31.64 10.05 -13.22
N ASP A 257 32.53 10.63 -12.43
CA ASP A 257 32.84 12.04 -12.46
C ASP A 257 34.33 12.22 -12.76
N SER A 258 35.12 11.21 -12.41
CA SER A 258 36.55 11.24 -12.62
C SER A 258 36.87 11.39 -14.09
N GLU A 259 38.13 11.72 -14.39
CA GLU A 259 38.56 11.89 -15.77
C GLU A 259 38.71 10.57 -16.49
N LYS A 260 37.78 9.67 -16.19
CA LYS A 260 37.71 8.39 -16.82
C LYS A 260 36.28 8.00 -16.58
N ARG A 261 35.42 8.98 -16.81
CA ARG A 261 33.97 8.88 -16.66
C ARG A 261 33.42 7.67 -17.38
N ALA A 262 33.55 7.67 -18.70
CA ALA A 262 33.05 6.58 -19.52
C ALA A 262 33.50 5.23 -19.00
N LYS A 263 34.81 5.05 -18.81
CA LYS A 263 35.33 3.78 -18.34
C LYS A 263 34.83 3.40 -16.95
N GLU A 264 34.79 4.37 -16.04
CA GLU A 264 34.33 4.09 -14.70
C GLU A 264 32.82 3.91 -14.64
N ALA A 265 32.10 4.57 -15.55
CA ALA A 265 30.66 4.43 -15.59
C ALA A 265 30.31 3.02 -16.05
N VAL A 266 31.01 2.51 -17.07
CA VAL A 266 30.73 1.15 -17.54
C VAL A 266 30.95 0.14 -16.43
N SER A 267 32.07 0.29 -15.73
CA SER A 267 32.39 -0.60 -14.62
C SER A 267 31.19 -0.69 -13.67
N MET A 268 30.77 0.44 -13.10
CA MET A 268 29.63 0.44 -12.20
C MET A 268 28.43 -0.26 -12.85
N ALA A 269 28.08 0.19 -14.05
CA ALA A 269 26.95 -0.38 -14.77
C ALA A 269 27.01 -1.90 -14.89
N LEU A 270 28.18 -2.43 -15.25
CA LEU A 270 28.36 -3.88 -15.38
C LEU A 270 28.46 -4.63 -14.06
N ASN A 271 28.99 -3.99 -13.03
CA ASN A 271 29.13 -4.61 -11.73
C ASN A 271 27.93 -4.23 -10.85
N SER A 272 26.91 -3.66 -11.49
CA SER A 272 25.72 -3.24 -10.77
C SER A 272 24.96 -4.36 -10.13
N PRO A 273 24.70 -4.27 -8.82
CA PRO A 273 23.97 -5.33 -8.12
C PRO A 273 22.59 -5.59 -8.75
N LEU A 274 22.06 -4.61 -9.48
CA LEU A 274 20.78 -4.76 -10.16
C LEU A 274 20.88 -5.77 -11.31
N LEU A 275 22.09 -6.03 -11.78
CA LEU A 275 22.29 -7.03 -12.83
C LEU A 275 22.53 -8.34 -12.11
N ASP A 276 21.49 -8.90 -11.50
CA ASP A 276 21.65 -10.14 -10.75
C ASP A 276 21.64 -11.35 -11.65
N VAL A 277 22.62 -11.43 -12.53
CA VAL A 277 22.68 -12.55 -13.45
C VAL A 277 24.04 -12.59 -14.14
N ASP A 278 24.37 -13.74 -14.70
CA ASP A 278 25.62 -13.94 -15.44
C ASP A 278 25.33 -13.37 -16.84
N ILE A 279 26.01 -12.31 -17.23
CA ILE A 279 25.79 -11.70 -18.54
C ILE A 279 26.84 -12.09 -19.59
N ASP A 280 27.81 -12.91 -19.19
CA ASP A 280 28.89 -13.31 -20.09
C ASP A 280 28.54 -14.06 -21.38
N GLY A 281 27.28 -14.05 -21.78
CA GLY A 281 26.90 -14.73 -23.01
C GLY A 281 25.66 -14.10 -23.62
N ALA A 282 25.18 -13.02 -23.00
CA ALA A 282 23.99 -12.33 -23.46
C ALA A 282 23.95 -12.16 -24.98
N THR A 283 22.76 -12.38 -25.55
CA THR A 283 22.58 -12.30 -26.99
C THR A 283 22.11 -10.92 -27.45
N GLY A 284 21.74 -10.07 -26.50
CA GLY A 284 21.28 -8.73 -26.85
C GLY A 284 21.54 -7.72 -25.76
N ALA A 285 21.50 -6.44 -26.11
CA ALA A 285 21.72 -5.40 -25.13
C ALA A 285 21.45 -4.00 -25.68
N LEU A 286 20.86 -3.16 -24.84
CA LEU A 286 20.57 -1.77 -25.18
C LEU A 286 21.42 -0.95 -24.21
N ILE A 287 22.24 -0.07 -24.75
CA ILE A 287 23.10 0.77 -23.91
C ILE A 287 22.76 2.23 -24.16
N HIS A 288 22.63 2.99 -23.08
CA HIS A 288 22.36 4.41 -23.23
C HIS A 288 23.31 5.21 -22.37
N VAL A 289 24.26 5.86 -23.01
CA VAL A 289 25.23 6.65 -22.30
C VAL A 289 24.84 8.12 -22.37
N MET A 290 24.49 8.66 -21.21
CA MET A 290 24.09 10.05 -21.05
C MET A 290 25.24 10.82 -20.38
N GLY A 291 25.38 12.09 -20.73
CA GLY A 291 26.46 12.86 -20.15
C GLY A 291 26.30 14.35 -20.25
N PRO A 292 27.31 15.11 -19.81
CA PRO A 292 27.25 16.57 -19.87
C PRO A 292 27.34 17.09 -21.29
N GLU A 293 27.32 18.40 -21.41
CA GLU A 293 27.39 19.09 -22.69
C GLU A 293 28.69 18.80 -23.47
N ASP A 294 29.68 18.22 -22.80
CA ASP A 294 30.96 17.91 -23.42
C ASP A 294 31.13 16.44 -23.80
N LEU A 295 30.04 15.70 -23.83
CA LEU A 295 30.09 14.27 -24.17
C LEU A 295 30.52 14.01 -25.61
N THR A 296 31.55 13.18 -25.78
CA THR A 296 32.05 12.85 -27.11
C THR A 296 31.62 11.45 -27.52
N LEU A 297 31.49 11.23 -28.83
CA LEU A 297 31.08 9.93 -29.33
C LEU A 297 32.13 8.88 -28.94
N GLU A 298 33.36 9.34 -28.71
CA GLU A 298 34.48 8.46 -28.33
C GLU A 298 34.22 7.73 -27.02
N GLU A 299 33.71 8.46 -26.04
CA GLU A 299 33.42 7.90 -24.73
C GLU A 299 32.32 6.86 -24.88
N ALA A 300 31.24 7.25 -25.56
CA ALA A 300 30.14 6.35 -25.80
C ALA A 300 30.65 5.11 -26.52
N ARG A 301 31.59 5.33 -27.43
CA ARG A 301 32.20 4.26 -28.20
C ARG A 301 32.99 3.33 -27.30
N GLU A 302 33.61 3.90 -26.25
CA GLU A 302 34.41 3.16 -25.29
C GLU A 302 33.54 2.32 -24.36
N VAL A 303 32.35 2.84 -24.07
CA VAL A 303 31.41 2.13 -23.21
C VAL A 303 30.93 0.89 -23.93
N VAL A 304 30.45 1.09 -25.15
CA VAL A 304 29.93 0.01 -25.98
C VAL A 304 30.95 -1.11 -26.21
N ALA A 305 32.21 -0.73 -26.45
CA ALA A 305 33.27 -1.71 -26.67
C ALA A 305 33.41 -2.56 -25.40
N THR A 306 33.48 -1.89 -24.26
CA THR A 306 33.61 -2.56 -22.97
C THR A 306 32.54 -3.63 -22.77
N VAL A 307 31.28 -3.24 -22.96
CA VAL A 307 30.15 -4.15 -22.80
C VAL A 307 30.16 -5.25 -23.86
N SER A 308 30.42 -4.85 -25.10
CA SER A 308 30.44 -5.78 -26.23
C SER A 308 31.31 -7.01 -26.03
N SER A 309 32.44 -6.83 -25.36
CA SER A 309 33.36 -7.93 -25.12
C SER A 309 32.94 -8.91 -24.01
N ARG A 310 31.82 -8.63 -23.36
CA ARG A 310 31.32 -9.50 -22.31
C ARG A 310 30.20 -10.35 -22.89
N LEU A 311 29.47 -9.78 -23.85
CA LEU A 311 28.37 -10.49 -24.47
C LEU A 311 28.88 -11.42 -25.57
N ASP A 312 27.96 -12.11 -26.20
CA ASP A 312 28.27 -13.04 -27.28
C ASP A 312 28.81 -12.23 -28.46
N PRO A 313 29.89 -12.70 -29.09
CA PRO A 313 30.43 -11.96 -30.22
C PRO A 313 29.37 -11.65 -31.27
N ASN A 314 28.27 -12.40 -31.25
CA ASN A 314 27.17 -12.21 -32.21
C ASN A 314 26.05 -11.38 -31.59
N ALA A 315 26.21 -11.02 -30.32
CA ALA A 315 25.19 -10.24 -29.61
C ALA A 315 24.71 -9.02 -30.39
N THR A 316 23.41 -8.78 -30.33
CA THR A 316 22.80 -7.63 -31.01
C THR A 316 22.80 -6.49 -30.00
N ILE A 317 23.51 -5.42 -30.33
CA ILE A 317 23.64 -4.30 -29.42
C ILE A 317 23.21 -2.95 -29.98
N ILE A 318 22.18 -2.37 -29.38
CA ILE A 318 21.67 -1.07 -29.78
C ILE A 318 22.24 -0.09 -28.78
N TRP A 319 22.69 1.08 -29.23
CA TRP A 319 23.22 2.07 -28.31
C TRP A 319 23.02 3.49 -28.79
N GLY A 320 23.03 4.42 -27.85
CA GLY A 320 22.86 5.81 -28.17
C GLY A 320 23.64 6.65 -27.18
N ALA A 321 23.74 7.95 -27.43
CA ALA A 321 24.45 8.86 -26.54
C ALA A 321 23.71 10.16 -26.60
N THR A 322 23.10 10.55 -25.49
CA THR A 322 22.39 11.81 -25.44
C THR A 322 23.03 12.76 -24.44
N ILE A 323 22.81 14.05 -24.62
CA ILE A 323 23.38 15.05 -23.73
C ILE A 323 22.29 15.54 -22.78
N ASP A 324 22.55 15.45 -21.48
CA ASP A 324 21.58 15.87 -20.49
C ASP A 324 21.95 17.23 -19.92
N GLU A 325 21.11 18.23 -20.17
CA GLU A 325 21.36 19.60 -19.72
C GLU A 325 21.97 19.69 -18.34
N ASN A 326 21.24 19.19 -17.34
CA ASN A 326 21.71 19.23 -15.97
C ASN A 326 22.32 17.90 -15.55
N LEU A 327 23.56 17.65 -15.98
CA LEU A 327 24.21 16.40 -15.64
C LEU A 327 25.62 16.48 -15.07
N GLU A 328 25.91 17.54 -14.32
CA GLU A 328 27.22 17.65 -13.66
C GLU A 328 28.40 17.60 -14.65
N ASN A 329 29.41 16.82 -14.28
CA ASN A 329 30.62 16.57 -15.07
C ASN A 329 30.56 15.05 -15.13
N THR A 330 29.38 14.54 -14.76
CA THR A 330 29.09 13.12 -14.68
C THR A 330 28.50 12.52 -15.98
N VAL A 331 28.86 11.28 -16.24
CA VAL A 331 28.32 10.55 -17.38
C VAL A 331 27.62 9.36 -16.76
N ARG A 332 26.37 9.14 -17.14
CA ARG A 332 25.59 8.05 -16.60
C ARG A 332 25.36 7.00 -17.69
N VAL A 333 25.51 5.73 -17.32
CA VAL A 333 25.31 4.63 -18.26
C VAL A 333 24.20 3.69 -17.82
N LEU A 334 23.16 3.56 -18.65
CA LEU A 334 22.07 2.66 -18.37
C LEU A 334 22.27 1.45 -19.26
N LEU A 335 22.43 0.29 -18.64
CA LEU A 335 22.65 -0.95 -19.38
C LEU A 335 21.44 -1.87 -19.27
N VAL A 336 21.05 -2.48 -20.38
CA VAL A 336 19.92 -3.40 -20.37
C VAL A 336 20.30 -4.65 -21.16
N ILE A 337 20.61 -5.74 -20.47
CA ILE A 337 20.99 -6.98 -21.15
C ILE A 337 19.77 -7.89 -21.31
N THR A 338 19.56 -8.39 -22.52
CA THR A 338 18.40 -9.23 -22.80
C THR A 338 18.68 -10.73 -22.98
N GLY A 339 17.59 -11.48 -23.11
CA GLY A 339 17.69 -12.92 -23.30
C GLY A 339 18.38 -13.71 -22.21
N VAL A 340 18.24 -13.26 -20.96
CA VAL A 340 18.89 -13.96 -19.85
C VAL A 340 17.97 -14.88 -19.06
N GLN A 341 16.78 -15.14 -19.59
CA GLN A 341 15.83 -16.03 -18.92
C GLN A 341 16.41 -17.42 -18.58
N SER A 342 17.32 -17.92 -19.41
CA SER A 342 17.93 -19.24 -19.17
C SER A 342 19.02 -19.25 -18.09
N ARG A 343 19.39 -18.08 -17.59
CA ARG A 343 20.40 -17.95 -16.55
C ARG A 343 19.70 -17.68 -15.21
N ILE A 344 18.37 -17.66 -15.24
CA ILE A 344 17.59 -17.38 -14.03
C ILE A 344 16.54 -18.46 -13.77
N GLU A 345 16.10 -18.57 -12.53
CA GLU A 345 15.07 -19.53 -12.22
C GLU A 345 13.99 -18.81 -11.42
N PHE A 346 12.75 -18.98 -11.86
CA PHE A 346 11.58 -18.38 -11.21
C PHE A 346 11.18 -19.21 -10.00
N THR A 347 11.29 -18.60 -8.82
CA THR A 347 10.90 -19.24 -7.58
C THR A 347 9.98 -18.20 -6.95
N ASP A 348 9.30 -18.52 -5.85
CA ASP A 348 8.42 -17.51 -5.24
C ASP A 348 8.99 -16.79 -4.02
N THR A 349 10.29 -16.52 -4.05
CA THR A 349 10.95 -15.83 -2.99
C THR A 349 11.89 -14.87 -3.70
N GLY A 350 11.81 -14.92 -5.03
CA GLY A 350 12.63 -14.08 -5.87
C GLY A 350 13.16 -14.85 -7.07
N LEU A 351 13.98 -14.20 -7.88
CA LEU A 351 14.58 -14.86 -9.03
C LEU A 351 15.88 -15.46 -8.49
N LYS A 352 16.25 -16.64 -8.98
CA LYS A 352 17.48 -17.28 -8.52
C LYS A 352 18.45 -17.41 -9.70
N ARG A 353 19.74 -17.28 -9.44
CA ARG A 353 20.72 -17.40 -10.51
C ARG A 353 21.06 -18.87 -10.74
N LYS A 354 21.05 -19.28 -12.00
CA LYS A 354 21.37 -20.66 -12.35
C LYS A 354 22.88 -20.82 -12.48
N LEU B 22 -9.37 22.79 -11.46
CA LEU B 22 -9.28 21.30 -11.59
C LEU B 22 -9.56 20.79 -13.00
N SER B 23 -9.18 19.54 -13.21
CA SER B 23 -9.36 18.89 -14.48
C SER B 23 -10.69 18.14 -14.45
N PRO B 24 -11.41 18.13 -15.59
CA PRO B 24 -12.69 17.40 -15.60
C PRO B 24 -12.40 15.92 -15.37
N GLU B 25 -11.14 15.55 -15.62
CA GLU B 25 -10.67 14.18 -15.43
C GLU B 25 -10.48 13.92 -13.94
N ASP B 26 -9.90 14.90 -13.23
CA ASP B 26 -9.70 14.79 -11.79
C ASP B 26 -11.01 15.04 -11.07
N LYS B 27 -11.86 15.89 -11.65
CA LYS B 27 -13.15 16.19 -11.08
C LYS B 27 -13.97 14.91 -10.93
N GLU B 28 -14.03 14.11 -12.00
CA GLU B 28 -14.80 12.88 -11.94
C GLU B 28 -14.23 11.92 -10.89
N LEU B 29 -12.91 11.87 -10.78
CA LEU B 29 -12.31 10.99 -9.80
C LEU B 29 -12.81 11.37 -8.42
N LEU B 30 -12.70 12.66 -8.09
CA LEU B 30 -13.14 13.20 -6.80
C LEU B 30 -14.57 12.82 -6.48
N GLU B 31 -15.38 12.66 -7.51
CA GLU B 31 -16.77 12.29 -7.35
C GLU B 31 -16.85 10.85 -6.81
N TYR B 32 -15.86 10.03 -7.16
CA TYR B 32 -15.81 8.64 -6.71
C TYR B 32 -15.35 8.54 -5.25
N LEU B 33 -14.34 9.34 -4.91
CA LEU B 33 -13.79 9.37 -3.56
C LEU B 33 -14.87 9.55 -2.52
N GLN B 34 -15.70 10.58 -2.69
CA GLN B 34 -16.77 10.87 -1.75
C GLN B 34 -17.80 9.74 -1.68
N GLN B 35 -18.73 9.73 -2.62
CA GLN B 35 -19.78 8.70 -2.67
C GLN B 35 -19.44 7.41 -1.93
N THR B 36 -18.41 6.73 -2.43
CA THR B 36 -17.98 5.45 -1.88
C THR B 36 -17.43 5.51 -0.45
N LYS B 37 -17.43 4.34 0.20
CA LYS B 37 -16.95 4.14 1.58
C LYS B 37 -17.82 3.10 2.26
N ALA B 38 -17.19 2.14 2.93
CA ALA B 38 -17.93 1.10 3.63
C ALA B 38 -18.78 1.73 4.74
N LYS B 39 -19.93 1.12 5.03
CA LYS B 39 -20.78 1.64 6.08
C LYS B 39 -20.29 1.13 7.43
N ILE B 40 -19.76 2.04 8.24
CA ILE B 40 -19.22 1.70 9.56
C ILE B 40 -20.08 2.20 10.72
N THR B 41 -20.41 1.28 11.61
CA THR B 41 -21.21 1.62 12.78
C THR B 41 -20.47 1.17 14.03
N VAL B 42 -20.33 2.07 14.99
CA VAL B 42 -19.67 1.75 16.25
C VAL B 42 -20.74 1.72 17.35
N VAL B 43 -20.81 0.62 18.09
CA VAL B 43 -21.80 0.48 19.15
C VAL B 43 -21.19 0.39 20.54
N GLY B 44 -21.50 1.36 21.40
CA GLY B 44 -20.99 1.33 22.77
C GLY B 44 -22.03 0.75 23.73
N CYS B 45 -21.68 -0.35 24.39
CA CYS B 45 -22.60 -1.02 25.32
C CYS B 45 -22.24 -0.82 26.79
N GLY B 46 -23.17 -0.27 27.55
CA GLY B 46 -22.95 -0.04 28.97
C GLY B 46 -22.23 1.24 29.32
N GLY B 47 -21.93 1.40 30.61
CA GLY B 47 -21.26 2.58 31.11
C GLY B 47 -20.04 3.06 30.33
N ALA B 48 -18.95 2.30 30.37
CA ALA B 48 -17.74 2.69 29.65
C ALA B 48 -18.02 2.75 28.16
N GLY B 49 -18.88 1.85 27.68
CA GLY B 49 -19.23 1.83 26.27
C GLY B 49 -19.84 3.15 25.84
N ASN B 50 -20.71 3.70 26.69
CA ASN B 50 -21.39 4.95 26.39
C ASN B 50 -20.52 6.20 26.54
N ASN B 51 -19.59 6.21 27.50
CA ASN B 51 -18.72 7.38 27.66
C ASN B 51 -17.84 7.54 26.43
N THR B 52 -17.53 6.40 25.80
CA THR B 52 -16.70 6.36 24.63
C THR B 52 -17.45 6.90 23.42
N ILE B 53 -18.68 6.43 23.23
CA ILE B 53 -19.52 6.85 22.11
C ILE B 53 -19.80 8.36 22.16
N THR B 54 -20.06 8.87 23.36
CA THR B 54 -20.35 10.29 23.51
C THR B 54 -19.19 11.11 22.95
N ARG B 55 -17.97 10.74 23.32
CA ARG B 55 -16.78 11.44 22.85
C ARG B 55 -16.63 11.28 21.35
N LEU B 56 -16.79 10.06 20.87
CA LEU B 56 -16.69 9.82 19.44
C LEU B 56 -17.68 10.73 18.76
N LYS B 57 -18.85 10.89 19.38
CA LYS B 57 -19.88 11.73 18.82
C LYS B 57 -19.52 13.21 18.90
N MET B 58 -19.29 13.70 20.11
CA MET B 58 -18.93 15.10 20.32
C MET B 58 -17.71 15.55 19.52
N GLU B 59 -16.65 14.74 19.53
CA GLU B 59 -15.42 15.07 18.83
C GLU B 59 -15.56 14.86 17.32
N GLY B 60 -16.55 14.07 16.93
CA GLY B 60 -16.79 13.82 15.52
C GLY B 60 -16.01 12.70 14.86
N ILE B 61 -16.28 11.45 15.24
CA ILE B 61 -15.62 10.30 14.63
C ILE B 61 -15.92 10.44 13.13
N GLU B 62 -14.95 10.10 12.29
CA GLU B 62 -15.14 10.25 10.85
C GLU B 62 -15.70 9.05 10.10
N GLY B 63 -16.70 9.32 9.26
CA GLY B 63 -17.30 8.28 8.44
C GLY B 63 -17.95 7.09 9.13
N ALA B 64 -18.53 7.30 10.30
CA ALA B 64 -19.16 6.20 11.03
C ALA B 64 -20.33 6.64 11.92
N LYS B 65 -21.35 5.78 11.99
CA LYS B 65 -22.54 6.04 12.80
C LYS B 65 -22.32 5.56 14.22
N THR B 66 -22.66 6.40 15.20
CA THR B 66 -22.48 6.03 16.59
C THR B 66 -23.79 5.58 17.25
N VAL B 67 -23.77 4.39 17.85
CA VAL B 67 -24.94 3.84 18.52
C VAL B 67 -24.60 3.49 19.96
N ALA B 68 -25.40 3.98 20.88
CA ALA B 68 -25.19 3.71 22.30
C ALA B 68 -26.36 2.90 22.85
N ILE B 69 -26.08 1.72 23.38
CA ILE B 69 -27.13 0.90 23.97
C ILE B 69 -26.80 0.75 25.44
N ASN B 70 -27.84 0.83 26.27
CA ASN B 70 -27.64 0.71 27.69
C ASN B 70 -28.93 0.21 28.27
N THR B 71 -28.81 -0.36 29.45
CA THR B 71 -29.92 -0.94 30.17
C THR B 71 -30.36 0.14 31.17
N ASP B 72 -29.44 1.06 31.46
CA ASP B 72 -29.66 2.14 32.42
C ASP B 72 -30.07 3.48 31.82
N ALA B 73 -31.35 3.81 32.00
CA ALA B 73 -31.92 5.05 31.48
C ALA B 73 -31.15 6.32 31.82
N GLN B 74 -30.74 6.43 33.07
CA GLN B 74 -30.00 7.60 33.56
C GLN B 74 -28.72 7.84 32.77
N GLN B 75 -27.91 6.79 32.62
CA GLN B 75 -26.66 6.90 31.87
C GLN B 75 -26.92 7.19 30.39
N LEU B 76 -27.93 6.53 29.82
CA LEU B 76 -28.26 6.71 28.41
C LEU B 76 -28.65 8.15 28.08
N ILE B 77 -29.38 8.80 28.97
CA ILE B 77 -29.79 10.18 28.72
C ILE B 77 -28.60 11.15 28.64
N ARG B 78 -27.59 10.92 29.48
CA ARG B 78 -26.40 11.78 29.50
C ARG B 78 -25.53 11.53 28.25
N THR B 79 -25.65 10.34 27.69
CA THR B 79 -24.90 9.92 26.50
C THR B 79 -25.34 10.63 25.23
N LYS B 80 -24.38 10.91 24.35
CA LYS B 80 -24.66 11.56 23.08
C LYS B 80 -24.27 10.56 21.99
N ALA B 81 -25.16 10.35 21.03
CA ALA B 81 -24.88 9.41 19.95
C ALA B 81 -25.85 9.63 18.80
N ASP B 82 -25.51 9.13 17.62
CA ASP B 82 -26.40 9.29 16.48
C ASP B 82 -27.72 8.60 16.79
N LYS B 83 -27.66 7.52 17.55
CA LYS B 83 -28.83 6.75 17.93
C LYS B 83 -28.63 6.13 19.29
N LYS B 84 -29.66 6.15 20.13
CA LYS B 84 -29.58 5.56 21.46
C LYS B 84 -30.65 4.50 21.59
N ILE B 85 -30.38 3.47 22.38
CA ILE B 85 -31.32 2.38 22.55
C ILE B 85 -31.35 1.88 23.99
N LEU B 86 -32.52 1.94 24.62
CA LEU B 86 -32.67 1.47 25.99
C LEU B 86 -33.05 0.01 25.88
N ILE B 87 -32.09 -0.89 26.09
CA ILE B 87 -32.40 -2.32 25.98
C ILE B 87 -33.08 -2.83 27.25
N GLY B 88 -33.75 -3.97 27.13
CA GLY B 88 -34.43 -4.56 28.27
C GLY B 88 -35.33 -3.67 29.10
N LYS B 89 -36.07 -2.78 28.45
CA LYS B 89 -36.96 -1.87 29.16
C LYS B 89 -38.05 -2.66 29.92
N LYS B 90 -38.24 -3.92 29.53
CA LYS B 90 -39.24 -4.78 30.18
C LYS B 90 -38.65 -5.56 31.35
N LEU B 91 -37.37 -5.89 31.25
CA LEU B 91 -36.68 -6.66 32.28
C LEU B 91 -36.05 -5.80 33.36
N THR B 92 -35.75 -4.56 33.01
CA THR B 92 -35.09 -3.65 33.92
C THR B 92 -35.89 -2.40 34.23
N ARG B 93 -36.72 -2.00 33.28
CA ARG B 93 -37.54 -0.81 33.41
C ARG B 93 -36.64 0.43 33.30
N GLY B 94 -35.38 0.21 32.90
CA GLY B 94 -34.47 1.33 32.74
C GLY B 94 -33.67 1.69 33.97
N LEU B 95 -33.75 0.84 34.99
CA LEU B 95 -33.02 1.09 36.22
C LEU B 95 -31.61 0.52 36.19
N GLY B 96 -31.30 -0.24 35.15
CA GLY B 96 -29.98 -0.81 35.06
C GLY B 96 -30.01 -2.31 35.33
N ALA B 97 -28.96 -2.98 34.87
CA ALA B 97 -28.89 -4.44 35.02
C ALA B 97 -27.98 -4.88 36.14
N GLY B 98 -27.34 -3.94 36.81
CA GLY B 98 -26.45 -4.32 37.89
C GLY B 98 -25.21 -5.03 37.38
N GLY B 99 -24.59 -5.84 38.22
CA GLY B 99 -23.39 -6.53 37.81
C GLY B 99 -23.65 -7.93 37.26
N ASN B 100 -24.91 -8.19 36.89
CA ASN B 100 -25.28 -9.51 36.38
C ASN B 100 -25.35 -9.52 34.87
N PRO B 101 -24.32 -10.08 34.20
CA PRO B 101 -24.25 -10.18 32.74
C PRO B 101 -25.42 -10.94 32.12
N LYS B 102 -26.09 -11.77 32.92
CA LYS B 102 -27.22 -12.55 32.44
C LYS B 102 -28.39 -11.62 32.13
N ILE B 103 -28.53 -10.56 32.92
CA ILE B 103 -29.60 -9.61 32.70
C ILE B 103 -29.29 -8.78 31.46
N GLY B 104 -28.07 -8.26 31.41
CA GLY B 104 -27.69 -7.48 30.25
C GLY B 104 -27.84 -8.30 28.99
N GLU B 105 -27.54 -9.60 29.07
CA GLU B 105 -27.67 -10.44 27.89
C GLU B 105 -29.14 -10.45 27.49
N GLU B 106 -29.99 -10.83 28.43
CA GLU B 106 -31.43 -10.88 28.20
C GLU B 106 -32.01 -9.55 27.74
N ALA B 107 -31.46 -8.45 28.26
CA ALA B 107 -31.93 -7.13 27.87
C ALA B 107 -31.66 -6.95 26.37
N ALA B 108 -30.44 -7.24 25.97
CA ALA B 108 -30.04 -7.12 24.58
C ALA B 108 -30.95 -7.99 23.71
N LYS B 109 -31.17 -9.23 24.16
CA LYS B 109 -32.02 -10.15 23.42
C LYS B 109 -33.41 -9.56 23.19
N GLU B 110 -34.02 -9.05 24.26
CA GLU B 110 -35.33 -8.45 24.18
C GLU B 110 -35.42 -7.31 23.18
N SER B 111 -34.31 -6.59 22.98
CA SER B 111 -34.29 -5.47 22.06
C SER B 111 -33.57 -5.83 20.77
N ALA B 112 -33.29 -7.11 20.58
CA ALA B 112 -32.57 -7.59 19.42
C ALA B 112 -32.98 -6.87 18.14
N GLU B 113 -34.24 -7.02 17.77
CA GLU B 113 -34.78 -6.41 16.56
C GLU B 113 -34.47 -4.92 16.48
N GLU B 114 -34.48 -4.25 17.63
CA GLU B 114 -34.21 -2.82 17.68
C GLU B 114 -32.72 -2.59 17.35
N ILE B 115 -31.88 -3.48 17.87
CA ILE B 115 -30.44 -3.40 17.65
C ILE B 115 -30.10 -3.70 16.19
N LYS B 116 -30.70 -4.76 15.65
CA LYS B 116 -30.47 -5.11 14.25
C LYS B 116 -30.80 -3.89 13.39
N ALA B 117 -31.85 -3.18 13.79
CA ALA B 117 -32.30 -2.00 13.06
C ALA B 117 -31.23 -0.91 13.01
N ALA B 118 -30.58 -0.66 14.15
CA ALA B 118 -29.56 0.36 14.23
C ALA B 118 -28.28 0.05 13.45
N ILE B 119 -28.03 -1.22 13.14
CA ILE B 119 -26.84 -1.61 12.42
C ILE B 119 -27.13 -2.29 11.07
N GLN B 120 -28.40 -2.27 10.70
CA GLN B 120 -28.92 -2.88 9.49
C GLN B 120 -28.01 -3.02 8.26
N ASP B 121 -27.63 -1.90 7.65
CA ASP B 121 -26.79 -1.93 6.44
C ASP B 121 -25.36 -1.47 6.70
N SER B 122 -24.68 -2.17 7.59
CA SER B 122 -23.31 -1.81 7.93
C SER B 122 -22.33 -2.84 7.38
N ASP B 123 -21.30 -2.36 6.72
CA ASP B 123 -20.30 -3.25 6.14
C ASP B 123 -19.39 -3.78 7.24
N MET B 124 -19.26 -2.98 8.29
CA MET B 124 -18.41 -3.34 9.41
C MET B 124 -18.97 -2.70 10.67
N VAL B 125 -19.08 -3.50 11.73
CA VAL B 125 -19.60 -3.04 13.01
C VAL B 125 -18.57 -3.18 14.14
N PHE B 126 -18.39 -2.10 14.89
CA PHE B 126 -17.48 -2.11 16.03
C PHE B 126 -18.29 -2.20 17.33
N ILE B 127 -17.97 -3.19 18.16
CA ILE B 127 -18.64 -3.35 19.44
C ILE B 127 -17.63 -2.95 20.51
N THR B 128 -17.84 -1.83 21.19
CA THR B 128 -16.91 -1.38 22.21
C THR B 128 -17.57 -1.33 23.59
N CYS B 129 -16.81 -1.67 24.62
CA CYS B 129 -17.34 -1.67 25.98
C CYS B 129 -16.29 -2.04 27.02
N GLY B 130 -16.63 -1.80 28.28
CA GLY B 130 -15.76 -2.14 29.37
C GLY B 130 -16.38 -3.38 29.96
N LEU B 131 -15.60 -4.45 30.07
CA LEU B 131 -16.11 -5.71 30.61
C LEU B 131 -16.02 -5.75 32.13
N GLY B 132 -16.95 -6.48 32.74
CA GLY B 132 -16.98 -6.60 34.18
C GLY B 132 -18.39 -6.32 34.69
N GLY B 133 -19.07 -5.39 34.01
CA GLY B 133 -20.41 -5.04 34.41
C GLY B 133 -21.44 -5.98 33.80
N GLY B 134 -22.70 -5.75 34.16
CA GLY B 134 -23.78 -6.58 33.67
C GLY B 134 -24.30 -6.21 32.30
N THR B 135 -24.35 -4.91 31.99
CA THR B 135 -24.88 -4.48 30.70
C THR B 135 -23.91 -4.69 29.55
N GLY B 136 -22.69 -4.21 29.68
CA GLY B 136 -21.73 -4.38 28.61
C GLY B 136 -21.34 -5.83 28.39
N THR B 137 -20.98 -6.50 29.47
CA THR B 137 -20.56 -7.90 29.41
C THR B 137 -21.68 -8.78 28.87
N GLY B 138 -22.91 -8.43 29.24
CA GLY B 138 -24.04 -9.21 28.79
C GLY B 138 -24.48 -8.91 27.37
N SER B 139 -24.61 -7.64 27.04
CA SER B 139 -25.09 -7.24 25.73
C SER B 139 -24.13 -7.23 24.57
N ALA B 140 -22.84 -7.06 24.83
CA ALA B 140 -21.86 -7.01 23.76
C ALA B 140 -21.89 -8.27 22.86
N PRO B 141 -21.93 -9.48 23.45
CA PRO B 141 -21.96 -10.71 22.66
C PRO B 141 -23.22 -10.85 21.80
N VAL B 142 -24.30 -10.21 22.22
CA VAL B 142 -25.54 -10.26 21.46
C VAL B 142 -25.46 -9.34 20.25
N VAL B 143 -24.85 -8.17 20.44
CA VAL B 143 -24.72 -7.21 19.36
C VAL B 143 -23.77 -7.79 18.33
N ALA B 144 -22.76 -8.53 18.80
CA ALA B 144 -21.78 -9.15 17.91
C ALA B 144 -22.43 -10.27 17.08
N GLU B 145 -23.28 -11.07 17.73
CA GLU B 145 -23.96 -12.16 17.05
C GLU B 145 -24.95 -11.59 16.02
N ILE B 146 -25.57 -10.46 16.34
CA ILE B 146 -26.52 -9.82 15.43
C ILE B 146 -25.75 -9.22 14.25
N SER B 147 -24.57 -8.68 14.52
CA SER B 147 -23.74 -8.08 13.49
C SER B 147 -23.37 -9.13 12.44
N LYS B 148 -22.86 -10.27 12.92
CA LYS B 148 -22.49 -11.36 12.03
C LYS B 148 -23.68 -11.83 11.20
N LYS B 149 -24.85 -11.89 11.82
CA LYS B 149 -26.05 -12.30 11.10
C LYS B 149 -26.39 -11.34 9.95
N ILE B 150 -26.20 -10.04 10.11
CA ILE B 150 -26.46 -9.11 9.01
C ILE B 150 -25.31 -9.21 8.03
N GLY B 151 -24.30 -9.97 8.42
CA GLY B 151 -23.14 -10.17 7.57
C GLY B 151 -22.11 -9.07 7.55
N ALA B 152 -21.98 -8.32 8.64
CA ALA B 152 -20.99 -7.25 8.69
C ALA B 152 -19.69 -7.70 9.35
N LEU B 153 -18.58 -7.05 9.00
CA LEU B 153 -17.28 -7.37 9.59
C LEU B 153 -17.45 -7.05 11.08
N THR B 154 -17.44 -8.09 11.90
CA THR B 154 -17.65 -7.91 13.33
C THR B 154 -16.37 -7.80 14.16
N VAL B 155 -16.04 -6.57 14.57
CA VAL B 155 -14.86 -6.31 15.38
C VAL B 155 -15.25 -5.80 16.76
N ALA B 156 -14.58 -6.30 17.79
CA ALA B 156 -14.87 -5.85 19.15
C ALA B 156 -13.62 -5.30 19.84
N VAL B 157 -13.74 -4.10 20.41
CA VAL B 157 -12.65 -3.47 21.13
C VAL B 157 -13.14 -3.26 22.56
N VAL B 158 -12.72 -4.14 23.47
CA VAL B 158 -13.16 -4.08 24.86
C VAL B 158 -12.01 -4.06 25.86
N THR B 159 -12.27 -3.53 27.05
CA THR B 159 -11.24 -3.47 28.09
C THR B 159 -11.51 -4.49 29.19
N LEU B 160 -10.45 -4.99 29.82
CA LEU B 160 -10.59 -5.92 30.94
C LEU B 160 -10.50 -5.06 32.19
N PRO B 161 -11.28 -5.41 33.23
CA PRO B 161 -11.26 -4.61 34.47
C PRO B 161 -9.99 -4.58 35.30
N PHE B 162 -9.85 -3.50 36.04
CA PHE B 162 -8.72 -3.32 36.93
C PHE B 162 -8.91 -4.42 37.98
N VAL B 163 -7.82 -4.88 38.57
CA VAL B 163 -7.91 -5.91 39.59
C VAL B 163 -8.58 -5.37 40.84
N MET B 164 -8.55 -4.05 41.02
CA MET B 164 -9.16 -3.42 42.18
C MET B 164 -10.68 -3.48 42.07
N GLU B 165 -11.19 -4.04 40.97
CA GLU B 165 -12.63 -4.16 40.75
C GLU B 165 -13.17 -5.48 41.25
N GLY B 166 -12.28 -6.36 41.72
CA GLY B 166 -12.71 -7.64 42.25
C GLY B 166 -12.74 -8.84 41.33
N LYS B 167 -12.61 -10.03 41.91
CA LYS B 167 -12.61 -11.28 41.16
C LYS B 167 -13.95 -11.65 40.53
N VAL B 168 -15.04 -11.14 41.08
CA VAL B 168 -16.34 -11.45 40.51
C VAL B 168 -16.48 -10.73 39.17
N ARG B 169 -16.01 -9.49 39.13
CA ARG B 169 -16.08 -8.67 37.92
C ARG B 169 -15.11 -9.19 36.83
N MET B 170 -13.90 -9.54 37.24
CA MET B 170 -12.94 -10.06 36.27
C MET B 170 -13.42 -11.37 35.69
N LYS B 171 -13.94 -12.25 36.56
CA LYS B 171 -14.46 -13.54 36.14
C LYS B 171 -15.64 -13.34 35.20
N ASN B 172 -16.49 -12.36 35.48
CA ASN B 172 -17.63 -12.09 34.62
C ASN B 172 -17.11 -11.58 33.29
N ALA B 173 -16.05 -10.79 33.35
CA ALA B 173 -15.40 -10.21 32.17
C ALA B 173 -14.84 -11.30 31.27
N MET B 174 -14.09 -12.24 31.87
CA MET B 174 -13.50 -13.34 31.10
C MET B 174 -14.54 -14.23 30.45
N GLU B 175 -15.66 -14.46 31.13
CA GLU B 175 -16.72 -15.28 30.55
C GLU B 175 -17.35 -14.50 29.39
N GLY B 176 -17.47 -13.19 29.56
CA GLY B 176 -18.04 -12.36 28.51
C GLY B 176 -17.10 -12.39 27.32
N LEU B 177 -15.81 -12.28 27.61
CA LEU B 177 -14.78 -12.30 26.58
C LEU B 177 -14.86 -13.62 25.80
N GLU B 178 -15.21 -14.68 26.52
CA GLU B 178 -15.33 -16.02 25.92
C GLU B 178 -16.54 -16.12 24.99
N ARG B 179 -17.67 -15.58 25.42
CA ARG B 179 -18.88 -15.62 24.61
C ARG B 179 -18.69 -14.70 23.41
N LEU B 180 -17.98 -13.62 23.65
CA LEU B 180 -17.72 -12.61 22.64
C LEU B 180 -16.85 -13.15 21.52
N LYS B 181 -15.79 -13.87 21.86
CA LYS B 181 -14.91 -14.41 20.82
C LYS B 181 -15.68 -15.35 19.87
N GLN B 182 -16.82 -15.83 20.32
CA GLN B 182 -17.63 -16.73 19.51
C GLN B 182 -18.33 -16.05 18.34
N HIS B 183 -18.63 -14.76 18.48
CA HIS B 183 -19.36 -14.04 17.45
C HIS B 183 -18.58 -12.94 16.78
N THR B 184 -17.31 -12.79 17.13
CA THR B 184 -16.51 -11.75 16.52
C THR B 184 -15.54 -12.27 15.47
N ASP B 185 -15.23 -11.41 14.50
CA ASP B 185 -14.28 -11.77 13.45
C ASP B 185 -12.90 -11.50 14.03
N THR B 186 -12.80 -10.41 14.79
CA THR B 186 -11.57 -10.05 15.48
C THR B 186 -11.92 -9.37 16.79
N LEU B 187 -11.39 -9.89 17.89
CA LEU B 187 -11.64 -9.39 19.24
C LEU B 187 -10.41 -8.71 19.81
N VAL B 188 -10.46 -7.39 19.99
CA VAL B 188 -9.33 -6.63 20.54
C VAL B 188 -9.56 -6.44 22.03
N VAL B 189 -8.59 -6.85 22.85
CA VAL B 189 -8.70 -6.73 24.31
C VAL B 189 -7.67 -5.81 24.95
N ILE B 190 -8.16 -4.89 25.78
CA ILE B 190 -7.30 -3.95 26.47
C ILE B 190 -7.33 -4.20 27.98
N PRO B 191 -6.21 -4.63 28.57
CA PRO B 191 -6.14 -4.88 30.02
C PRO B 191 -6.04 -3.57 30.77
N ASN B 192 -7.09 -3.17 31.47
CA ASN B 192 -7.03 -1.90 32.20
C ASN B 192 -5.98 -1.85 33.31
N GLU B 193 -5.63 -3.02 33.85
CA GLU B 193 -4.64 -3.06 34.92
C GLU B 193 -3.26 -2.56 34.47
N LYS B 194 -2.91 -2.71 33.19
CA LYS B 194 -1.60 -2.25 32.72
C LYS B 194 -1.57 -0.73 32.56
N LEU B 195 -2.75 -0.11 32.71
CA LEU B 195 -2.85 1.34 32.61
C LEU B 195 -2.04 1.93 33.76
N PHE B 196 -1.65 1.08 34.71
CA PHE B 196 -0.86 1.52 35.86
C PHE B 196 0.64 1.57 35.59
N GLU B 197 1.08 0.92 34.51
CA GLU B 197 2.49 0.92 34.16
C GLU B 197 2.80 2.08 33.21
N ILE B 198 1.76 2.79 32.81
CA ILE B 198 1.90 3.95 31.92
C ILE B 198 1.78 5.21 32.79
N VAL B 199 0.87 5.16 33.76
CA VAL B 199 0.67 6.28 34.67
C VAL B 199 0.47 5.70 36.08
N PRO B 200 1.58 5.39 36.76
CA PRO B 200 1.71 4.84 38.12
C PRO B 200 0.68 5.23 39.18
N ASN B 201 1.18 5.81 40.27
CA ASN B 201 0.35 6.24 41.40
C ASN B 201 -0.86 7.01 40.90
N MET B 202 -1.94 6.30 40.61
CA MET B 202 -3.15 6.89 40.08
C MET B 202 -4.40 6.51 40.86
N PRO B 203 -5.17 7.52 41.32
CA PRO B 203 -6.40 7.30 42.09
C PRO B 203 -7.44 6.49 41.32
N LEU B 204 -8.32 5.81 42.06
CA LEU B 204 -9.38 5.00 41.46
C LEU B 204 -10.25 5.84 40.53
N LYS B 205 -10.62 7.03 41.00
CA LYS B 205 -11.45 7.95 40.23
C LYS B 205 -10.76 8.38 38.93
N LEU B 206 -9.43 8.30 38.93
CA LEU B 206 -8.63 8.70 37.78
C LEU B 206 -8.39 7.55 36.78
N ALA B 207 -8.22 6.34 37.29
CA ALA B 207 -7.98 5.16 36.45
C ALA B 207 -9.09 4.93 35.41
N PHE B 208 -10.34 5.14 35.80
CA PHE B 208 -11.46 4.95 34.88
C PHE B 208 -11.46 6.07 33.85
N LYS B 209 -11.06 7.27 34.28
CA LYS B 209 -10.99 8.39 33.36
C LYS B 209 -9.97 8.01 32.28
N VAL B 210 -8.81 7.53 32.72
CA VAL B 210 -7.72 7.13 31.83
C VAL B 210 -8.13 5.97 30.93
N ALA B 211 -8.88 5.04 31.48
CA ALA B 211 -9.35 3.89 30.72
C ALA B 211 -10.24 4.41 29.61
N ASP B 212 -11.11 5.38 29.93
CA ASP B 212 -11.99 5.95 28.91
C ASP B 212 -11.14 6.61 27.83
N GLU B 213 -10.07 7.28 28.25
CA GLU B 213 -9.17 7.94 27.33
C GLU B 213 -8.52 6.97 26.36
N VAL B 214 -8.06 5.83 26.87
CA VAL B 214 -7.41 4.84 26.02
C VAL B 214 -8.38 4.16 25.05
N LEU B 215 -9.56 3.76 25.55
CA LEU B 215 -10.54 3.10 24.69
C LEU B 215 -10.93 4.06 23.57
N ILE B 216 -11.26 5.30 23.94
CA ILE B 216 -11.67 6.31 22.98
C ILE B 216 -10.66 6.46 21.87
N ASN B 217 -9.39 6.52 22.26
CA ASN B 217 -8.32 6.66 21.31
C ASN B 217 -8.15 5.40 20.51
N ALA B 218 -8.27 4.26 21.17
CA ALA B 218 -8.13 2.99 20.48
C ALA B 218 -9.21 2.87 19.41
N VAL B 219 -10.47 2.92 19.79
CA VAL B 219 -11.59 2.81 18.85
C VAL B 219 -11.49 3.86 17.75
N LYS B 220 -11.25 5.12 18.12
CA LYS B 220 -11.13 6.18 17.13
C LYS B 220 -10.01 5.89 16.13
N GLY B 221 -8.86 5.48 16.65
CA GLY B 221 -7.72 5.15 15.81
C GLY B 221 -8.00 4.07 14.78
N LEU B 222 -8.60 2.97 15.21
CA LEU B 222 -8.92 1.88 14.31
C LEU B 222 -9.94 2.29 13.24
N VAL B 223 -11.02 2.93 13.69
CA VAL B 223 -12.08 3.37 12.79
C VAL B 223 -11.59 4.39 11.76
N GLU B 224 -10.92 5.43 12.21
CA GLU B 224 -10.43 6.47 11.29
C GLU B 224 -9.33 5.97 10.36
N LEU B 225 -8.59 4.95 10.78
CA LEU B 225 -7.54 4.36 9.95
C LEU B 225 -8.15 3.87 8.64
N ILE B 226 -9.43 3.56 8.71
CA ILE B 226 -10.16 3.05 7.57
C ILE B 226 -11.00 4.13 6.87
N THR B 227 -11.51 5.08 7.63
CA THR B 227 -12.40 6.12 7.09
C THR B 227 -11.82 7.51 6.82
N LYS B 228 -10.76 7.88 7.52
CA LYS B 228 -10.17 9.21 7.35
C LYS B 228 -9.15 9.31 6.23
N ASP B 229 -9.28 10.33 5.40
CA ASP B 229 -8.35 10.53 4.30
C ASP B 229 -6.93 10.73 4.82
N GLY B 230 -5.99 9.94 4.30
CA GLY B 230 -4.62 10.04 4.74
C GLY B 230 -3.61 10.19 3.62
N LEU B 231 -2.33 10.06 3.96
CA LEU B 231 -1.27 10.19 2.98
C LEU B 231 -1.16 8.99 2.06
N ILE B 232 -1.82 7.90 2.42
CA ILE B 232 -1.77 6.69 1.59
C ILE B 232 -3.09 5.94 1.70
N ASN B 233 -3.50 5.26 0.63
CA ASN B 233 -4.78 4.58 0.73
C ASN B 233 -4.83 3.27 1.46
N VAL B 234 -5.86 3.17 2.28
CA VAL B 234 -6.11 1.99 3.07
C VAL B 234 -7.38 1.39 2.49
N ASP B 235 -7.23 0.28 1.78
CA ASP B 235 -8.33 -0.39 1.10
C ASP B 235 -9.09 -1.34 1.99
N PHE B 236 -10.42 -1.18 1.98
CA PHE B 236 -11.32 -1.98 2.79
C PHE B 236 -11.18 -3.47 2.53
N ALA B 237 -10.79 -3.84 1.31
CA ALA B 237 -10.62 -5.26 0.99
C ALA B 237 -9.46 -5.85 1.77
N ASP B 238 -8.55 -4.99 2.21
CA ASP B 238 -7.42 -5.46 3.00
C ASP B 238 -7.88 -5.57 4.44
N VAL B 239 -8.58 -4.55 4.90
CA VAL B 239 -9.11 -4.52 6.25
C VAL B 239 -9.95 -5.78 6.42
N LYS B 240 -10.78 -6.05 5.42
CA LYS B 240 -11.63 -7.23 5.43
C LYS B 240 -10.76 -8.49 5.52
N ALA B 241 -9.58 -8.43 4.91
CA ALA B 241 -8.65 -9.55 4.90
C ALA B 241 -7.94 -9.76 6.25
N VAL B 242 -7.54 -8.67 6.89
CA VAL B 242 -6.84 -8.75 8.16
C VAL B 242 -7.77 -8.88 9.38
N MET B 243 -8.94 -8.23 9.34
CA MET B 243 -9.89 -8.27 10.46
C MET B 243 -10.73 -9.53 10.46
N ASN B 244 -10.93 -10.12 9.28
CA ASN B 244 -11.76 -11.31 9.12
C ASN B 244 -11.45 -12.54 9.96
N ASN B 245 -10.17 -12.87 10.12
CA ASN B 245 -9.85 -14.03 10.91
C ASN B 245 -8.90 -13.71 12.06
N GLY B 246 -8.73 -12.42 12.34
CA GLY B 246 -7.87 -12.01 13.43
C GLY B 246 -8.55 -12.52 14.68
N GLY B 247 -7.97 -13.52 15.32
CA GLY B 247 -8.57 -14.07 16.52
C GLY B 247 -8.55 -13.02 17.61
N LEU B 248 -7.65 -13.20 18.57
CA LEU B 248 -7.52 -12.26 19.67
C LEU B 248 -6.48 -11.23 19.22
N ALA B 249 -6.70 -9.97 19.56
CA ALA B 249 -5.77 -8.91 19.20
C ALA B 249 -5.54 -7.99 20.38
N MET B 250 -4.40 -7.31 20.39
CA MET B 250 -4.05 -6.37 21.44
C MET B 250 -3.48 -5.11 20.82
N ILE B 251 -3.52 -4.01 21.57
CA ILE B 251 -3.01 -2.76 21.05
C ILE B 251 -1.79 -2.23 21.78
N GLY B 252 -1.12 -1.30 21.11
CA GLY B 252 0.05 -0.66 21.66
C GLY B 252 -0.01 0.78 21.19
N ILE B 253 0.03 1.73 22.12
CA ILE B 253 0.01 3.13 21.76
C ILE B 253 1.27 3.86 22.23
N GLY B 254 1.79 4.72 21.37
CA GLY B 254 2.97 5.48 21.71
C GLY B 254 3.05 6.74 20.88
N GLU B 255 3.77 7.73 21.39
CA GLU B 255 3.97 8.99 20.70
C GLU B 255 5.28 9.62 21.10
N SER B 256 5.71 10.59 20.31
CA SER B 256 6.96 11.28 20.57
C SER B 256 6.90 12.58 19.82
N ASP B 257 7.64 13.55 20.32
CA ASP B 257 7.70 14.82 19.63
C ASP B 257 9.15 15.25 19.53
N SER B 258 10.06 14.31 19.83
CA SER B 258 11.50 14.58 19.77
C SER B 258 11.90 14.74 18.32
N GLU B 259 13.19 14.68 18.02
CA GLU B 259 13.64 14.85 16.64
C GLU B 259 13.56 13.57 15.80
N LYS B 260 13.14 12.48 16.44
CA LYS B 260 12.97 11.20 15.75
C LYS B 260 11.63 10.63 16.15
N ARG B 261 10.61 11.47 16.03
CA ARG B 261 9.23 11.14 16.37
C ARG B 261 8.83 9.73 15.98
N ALA B 262 8.78 9.50 14.67
CA ALA B 262 8.40 8.21 14.12
C ALA B 262 9.07 7.06 14.85
N LYS B 263 10.40 7.06 14.88
CA LYS B 263 11.15 6.01 15.54
C LYS B 263 10.81 5.87 17.03
N GLU B 264 10.81 6.98 17.76
CA GLU B 264 10.48 6.93 19.19
C GLU B 264 9.01 6.61 19.47
N ALA B 265 8.15 6.88 18.51
CA ALA B 265 6.73 6.58 18.68
C ALA B 265 6.50 5.08 18.51
N VAL B 266 7.26 4.42 17.63
CA VAL B 266 7.11 2.98 17.42
C VAL B 266 7.61 2.21 18.66
N SER B 267 8.69 2.69 19.27
CA SER B 267 9.26 2.06 20.46
C SER B 267 8.21 2.01 21.56
N MET B 268 7.63 3.16 21.89
CA MET B 268 6.61 3.20 22.91
C MET B 268 5.49 2.25 22.54
N ALA B 269 4.98 2.37 21.32
CA ALA B 269 3.89 1.52 20.87
C ALA B 269 4.24 0.05 21.07
N LEU B 270 5.43 -0.35 20.60
CA LEU B 270 5.89 -1.73 20.72
C LEU B 270 6.22 -2.15 22.15
N ASN B 271 6.66 -1.19 22.95
CA ASN B 271 7.01 -1.44 24.35
C ASN B 271 5.85 -1.05 25.26
N SER B 272 4.68 -0.89 24.66
CA SER B 272 3.49 -0.47 25.41
C SER B 272 2.96 -1.59 26.30
N PRO B 273 2.76 -1.30 27.59
CA PRO B 273 2.26 -2.30 28.52
C PRO B 273 0.90 -2.88 28.12
N LEU B 274 0.18 -2.19 27.24
CA LEU B 274 -1.11 -2.65 26.79
C LEU B 274 -0.96 -3.83 25.85
N LEU B 275 0.26 -4.03 25.36
CA LEU B 275 0.57 -5.15 24.49
C LEU B 275 1.13 -6.23 25.40
N ASP B 276 0.25 -6.83 26.18
CA ASP B 276 0.66 -7.86 27.12
C ASP B 276 0.73 -9.22 26.43
N VAL B 277 1.62 -9.33 25.45
CA VAL B 277 1.77 -10.57 24.71
C VAL B 277 3.03 -10.55 23.83
N ASP B 278 3.56 -11.73 23.58
CA ASP B 278 4.73 -11.90 22.72
C ASP B 278 4.19 -11.69 21.30
N ILE B 279 4.67 -10.67 20.60
CA ILE B 279 4.20 -10.39 19.23
C ILE B 279 5.17 -10.85 18.14
N ASP B 280 6.30 -11.41 18.55
CA ASP B 280 7.34 -11.87 17.63
C ASP B 280 6.96 -12.98 16.67
N GLY B 281 5.67 -13.10 16.35
CA GLY B 281 5.24 -14.12 15.42
C GLY B 281 3.86 -13.82 14.91
N ALA B 282 3.34 -12.63 15.26
CA ALA B 282 2.02 -12.23 14.84
C ALA B 282 1.84 -12.41 13.33
N THR B 283 0.64 -12.80 12.93
CA THR B 283 0.33 -13.03 11.52
C THR B 283 -0.47 -11.87 10.91
N GLY B 284 -0.76 -10.87 11.72
CA GLY B 284 -1.50 -9.74 11.21
C GLY B 284 -1.23 -8.51 12.05
N ALA B 285 -1.50 -7.34 11.47
CA ALA B 285 -1.30 -6.07 12.18
C ALA B 285 -1.91 -4.89 11.44
N LEU B 286 -2.48 -3.97 12.22
CA LEU B 286 -3.05 -2.75 11.68
C LEU B 286 -2.27 -1.63 12.35
N ILE B 287 -1.73 -0.74 11.53
CA ILE B 287 -0.93 0.36 12.05
C ILE B 287 -1.50 1.68 11.57
N HIS B 288 -1.66 2.62 12.49
CA HIS B 288 -2.18 3.93 12.14
C HIS B 288 -1.28 4.99 12.75
N VAL B 289 -0.46 5.61 11.92
CA VAL B 289 0.42 6.64 12.41
C VAL B 289 -0.17 8.00 12.12
N MET B 290 -0.54 8.69 13.20
CA MET B 290 -1.14 10.01 13.15
C MET B 290 -0.02 10.99 13.44
N GLY B 291 -0.13 12.20 12.89
CA GLY B 291 0.90 13.21 13.11
C GLY B 291 0.42 14.59 12.78
N PRO B 292 1.25 15.62 12.97
CA PRO B 292 0.84 16.99 12.67
C PRO B 292 0.96 17.32 11.18
N GLU B 293 0.54 18.53 10.79
CA GLU B 293 0.59 18.92 9.39
C GLU B 293 1.89 18.59 8.67
N ASP B 294 3.00 18.48 9.40
CA ASP B 294 4.28 18.17 8.76
C ASP B 294 4.63 16.67 8.74
N LEU B 295 3.60 15.82 8.72
CA LEU B 295 3.85 14.38 8.69
C LEU B 295 4.19 13.94 7.26
N THR B 296 5.23 13.12 7.12
CA THR B 296 5.64 12.64 5.81
C THR B 296 5.38 11.14 5.69
N LEU B 297 5.14 10.67 4.48
CA LEU B 297 4.90 9.26 4.27
C LEU B 297 6.14 8.46 4.69
N GLU B 298 7.31 9.09 4.64
CA GLU B 298 8.58 8.46 5.04
C GLU B 298 8.51 7.97 6.49
N GLU B 299 8.03 8.84 7.37
CA GLU B 299 7.94 8.53 8.78
C GLU B 299 7.04 7.34 9.02
N ALA B 300 5.85 7.37 8.42
CA ALA B 300 4.92 6.26 8.57
C ALA B 300 5.60 4.99 8.04
N ARG B 301 6.35 5.17 6.96
CA ARG B 301 7.07 4.08 6.32
C ARG B 301 8.08 3.52 7.31
N GLU B 302 8.68 4.40 8.11
CA GLU B 302 9.67 3.99 9.10
C GLU B 302 9.02 3.22 10.22
N VAL B 303 7.80 3.61 10.57
CA VAL B 303 7.09 2.94 11.63
C VAL B 303 6.68 1.54 11.19
N VAL B 304 6.22 1.42 9.94
CA VAL B 304 5.79 0.13 9.40
C VAL B 304 6.94 -0.85 9.25
N ALA B 305 8.11 -0.38 8.82
CA ALA B 305 9.27 -1.25 8.68
C ALA B 305 9.73 -1.77 10.06
N THR B 306 9.72 -0.90 11.05
CA THR B 306 10.10 -1.27 12.41
C THR B 306 9.22 -2.44 12.93
N VAL B 307 7.91 -2.32 12.78
CA VAL B 307 6.95 -3.33 13.23
C VAL B 307 7.00 -4.61 12.39
N SER B 308 7.04 -4.43 11.08
CA SER B 308 7.08 -5.52 10.12
C SER B 308 8.12 -6.59 10.39
N SER B 309 9.29 -6.17 10.86
CA SER B 309 10.38 -7.08 11.14
C SER B 309 10.20 -7.83 12.46
N ARG B 310 9.12 -7.54 13.18
CA ARG B 310 8.87 -8.21 14.45
C ARG B 310 7.84 -9.30 14.21
N LEU B 311 6.97 -9.09 13.23
CA LEU B 311 5.93 -10.05 12.91
C LEU B 311 6.46 -11.11 11.95
N ASP B 312 5.59 -12.03 11.58
CA ASP B 312 5.94 -13.11 10.67
C ASP B 312 6.26 -12.54 9.31
N PRO B 313 7.29 -13.09 8.65
CA PRO B 313 7.63 -12.56 7.33
C PRO B 313 6.43 -12.64 6.38
N ASN B 314 5.43 -13.43 6.76
CA ASN B 314 4.21 -13.56 5.97
C ASN B 314 3.05 -12.79 6.57
N ALA B 315 3.32 -12.05 7.63
CA ALA B 315 2.28 -11.26 8.28
C ALA B 315 1.61 -10.32 7.27
N THR B 316 0.30 -10.19 7.39
CA THR B 316 -0.45 -9.30 6.53
C THR B 316 -0.61 -8.00 7.31
N ILE B 317 -0.12 -6.90 6.75
CA ILE B 317 -0.13 -5.62 7.44
C ILE B 317 -0.83 -4.46 6.74
N ILE B 318 -1.84 -3.91 7.40
CA ILE B 318 -2.57 -2.77 6.87
C ILE B 318 -1.99 -1.56 7.60
N TRP B 319 -1.88 -0.44 6.92
CA TRP B 319 -1.36 0.76 7.55
C TRP B 319 -1.76 2.04 6.84
N GLY B 320 -1.83 3.12 7.61
CA GLY B 320 -2.19 4.41 7.04
C GLY B 320 -1.46 5.52 7.77
N ALA B 321 -1.64 6.75 7.32
CA ALA B 321 -1.00 7.88 7.97
C ALA B 321 -1.90 9.08 7.76
N THR B 322 -2.56 9.52 8.82
CA THR B 322 -3.44 10.66 8.74
C THR B 322 -2.84 11.84 9.49
N ILE B 323 -3.33 13.04 9.18
CA ILE B 323 -2.85 14.25 9.80
C ILE B 323 -3.91 14.79 10.75
N ASP B 324 -3.52 15.01 12.00
CA ASP B 324 -4.45 15.52 13.01
C ASP B 324 -4.18 16.99 13.25
N GLU B 325 -5.18 17.81 12.95
CA GLU B 325 -5.10 19.26 13.11
C GLU B 325 -4.39 19.66 14.41
N ASN B 326 -4.99 19.33 15.54
CA ASN B 326 -4.44 19.68 16.84
C ASN B 326 -3.61 18.54 17.44
N LEU B 327 -2.40 18.35 16.92
CA LEU B 327 -1.57 17.26 17.42
C LEU B 327 -0.13 17.63 17.80
N GLU B 328 0.09 18.88 18.22
CA GLU B 328 1.43 19.34 18.63
C GLU B 328 2.45 19.27 17.49
N ASN B 329 3.60 18.70 17.85
CA ASN B 329 4.72 18.45 16.98
C ASN B 329 4.90 16.96 17.26
N THR B 330 3.83 16.38 17.81
CA THR B 330 3.79 14.99 18.22
C THR B 330 3.17 14.02 17.20
N VAL B 331 3.75 12.82 17.11
CA VAL B 331 3.19 11.81 16.24
C VAL B 331 2.75 10.67 17.14
N ARG B 332 1.54 10.19 16.92
CA ARG B 332 0.98 9.10 17.70
C ARG B 332 0.92 7.84 16.85
N VAL B 333 1.24 6.71 17.46
CA VAL B 333 1.18 5.45 16.74
C VAL B 333 0.26 4.46 17.48
N LEU B 334 -0.77 4.00 16.79
CA LEU B 334 -1.68 3.02 17.35
C LEU B 334 -1.31 1.72 16.66
N LEU B 335 -1.06 0.70 17.46
CA LEU B 335 -0.65 -0.59 16.94
C LEU B 335 -1.65 -1.67 17.33
N VAL B 336 -2.12 -2.41 16.35
CA VAL B 336 -3.05 -3.50 16.63
C VAL B 336 -2.53 -4.79 15.99
N ILE B 337 -2.00 -5.68 16.83
CA ILE B 337 -1.46 -6.95 16.35
C ILE B 337 -2.51 -8.04 16.53
N THR B 338 -2.80 -8.74 15.43
CA THR B 338 -3.82 -9.79 15.40
C THR B 338 -3.30 -11.24 15.40
N GLY B 339 -4.22 -12.18 15.62
CA GLY B 339 -3.88 -13.59 15.65
C GLY B 339 -3.01 -14.07 16.81
N VAL B 340 -3.11 -13.41 17.98
CA VAL B 340 -2.30 -13.79 19.13
C VAL B 340 -3.00 -14.71 20.14
N GLN B 341 -4.19 -15.18 19.84
CA GLN B 341 -4.90 -16.05 20.76
C GLN B 341 -4.02 -17.19 21.31
N SER B 342 -3.21 -17.78 20.44
CA SER B 342 -2.34 -18.89 20.84
C SER B 342 -1.21 -18.53 21.82
N ARG B 343 -1.01 -17.24 22.08
CA ARG B 343 0.04 -16.80 23.02
C ARG B 343 -0.57 -16.30 24.32
N ILE B 344 -1.88 -16.42 24.45
CA ILE B 344 -2.57 -15.97 25.65
C ILE B 344 -3.29 -17.10 26.37
N GLU B 345 -3.58 -16.90 27.66
CA GLU B 345 -4.27 -17.89 28.47
C GLU B 345 -5.49 -17.28 29.18
N PHE B 346 -6.68 -17.53 28.64
CA PHE B 346 -7.91 -17.02 29.25
C PHE B 346 -8.19 -17.70 30.57
N THR B 347 -7.88 -17.02 31.68
CA THR B 347 -8.15 -17.54 33.02
C THR B 347 -9.16 -16.55 33.61
N ASP B 348 -9.74 -16.84 34.77
CA ASP B 348 -10.72 -15.89 35.32
C ASP B 348 -10.16 -14.86 36.30
N THR B 349 -8.89 -14.48 36.08
CA THR B 349 -8.24 -13.47 36.90
C THR B 349 -7.51 -12.54 35.93
N GLY B 350 -7.66 -12.82 34.64
CA GLY B 350 -7.04 -11.99 33.61
C GLY B 350 -6.33 -12.75 32.51
N LEU B 351 -5.51 -12.01 31.77
CA LEU B 351 -4.74 -12.58 30.68
C LEU B 351 -3.30 -12.79 31.17
N LYS B 352 -2.73 -13.91 30.76
CA LYS B 352 -1.36 -14.25 31.12
C LYS B 352 -0.72 -14.79 29.85
N ARG B 353 0.49 -14.31 29.56
CA ARG B 353 1.21 -14.71 28.37
C ARG B 353 1.70 -16.15 28.46
N LYS B 354 1.73 -16.84 27.32
CA LYS B 354 2.24 -18.20 27.27
C LYS B 354 3.69 -18.07 26.80
N LYS B 355 4.61 -18.44 27.68
CA LYS B 355 6.05 -18.34 27.39
C LYS B 355 6.55 -18.96 26.08
N LEU B 356 5.65 -19.40 25.21
CA LEU B 356 6.09 -20.00 23.95
C LEU B 356 7.11 -21.11 24.23
N GLU B 357 7.88 -21.53 23.23
CA GLU B 357 8.84 -22.60 23.46
C GLU B 357 9.96 -22.66 22.43
N LEU B 358 11.20 -22.77 22.91
CA LEU B 358 12.36 -22.79 22.04
C LEU B 358 13.01 -24.17 21.96
N THR B 359 12.76 -24.96 22.98
CA THR B 359 13.36 -26.27 23.09
C THR B 359 12.32 -27.39 23.05
N GLY B 360 12.79 -28.62 22.90
CA GLY B 360 11.88 -29.75 22.87
C GLY B 360 11.74 -30.42 24.24
N ILE B 361 12.50 -29.95 25.21
CA ILE B 361 12.46 -30.48 26.57
C ILE B 361 11.04 -30.32 27.14
N PRO B 362 10.52 -31.36 27.78
CA PRO B 362 9.19 -31.34 28.37
C PRO B 362 9.09 -30.54 29.67
N LYS B 363 7.92 -29.96 29.91
CA LYS B 363 7.68 -29.20 31.11
C LYS B 363 7.68 -30.13 32.31
N ILE B 364 7.43 -29.57 33.50
CA ILE B 364 7.40 -30.34 34.74
C ILE B 364 6.40 -29.69 35.71
S SO4 C . -0.21 -1.28 -6.19
O1 SO4 C . 0.76 -1.36 -7.29
O2 SO4 C . -1.29 -2.25 -6.44
O3 SO4 C . -0.75 0.09 -6.14
O4 SO4 C . 0.45 -1.61 -4.91
S SO4 D . -22.00 -1.78 32.67
O1 SO4 D . -23.02 -2.65 33.30
O2 SO4 D . -21.89 -2.14 31.24
O3 SO4 D . -20.71 -1.98 33.34
O4 SO4 D . -22.41 -0.37 32.80
#